data_6LAO
#
_entry.id   6LAO
#
_cell.length_a   1.00
_cell.length_b   1.00
_cell.length_c   1.00
_cell.angle_alpha   90.00
_cell.angle_beta   90.00
_cell.angle_gamma   90.00
#
_symmetry.space_group_name_H-M   'P 1'
#
loop_
_entity.id
_entity.type
_entity.pdbx_description
1 polymer 'Capsid protein VP1'
2 polymer 'Capsid protein VP2'
3 polymer 'Capsid protein VP3'
4 polymer 'Capsid protein VP4'
5 non-polymer SPHINGOSINE
#
loop_
_entity_poly.entity_id
_entity_poly.type
_entity_poly.pdbx_seq_one_letter_code
_entity_poly.pdbx_strand_id
1 'polypeptide(L)'
;VVEAVENAVARVADTISSGPSNSQAVPALTAVETGHTSQVTPSDTIQTRHVRNYHSRSESSIENFLCRSACVYMGEYHTT
NTDTSKLFASWTINARRMVQMRRKLELFTYVRFDMEVTFVITSKQDQGTQLGQDMPPLTHQIMYIPPGGPIPKSVTDYTW
QTSTNPSIFWTEGNAPPRMSIPFISIGNAYSNFYDGWSHFSQNGVYGYNTLNHMGQIYVRHVNGSSPLPMTSTVRMYFKP
KHVKVWVPRPPRLCQYKNASTVNFTPTNITEKRQSINYIPETVKP
;
A
2 'polypeptide(L)'
;DRVRSITLGNSTITTQESANVVVAYGRWPEYLKDNEATAEDQPTQPDVATCRFYTLESVTWERDSPGWWWKFPDALKDMG
LFGQNMYYHYLGRAGYTIHVQCNASKFHQGCLMVVCVPEAEMGCSQVDGTVNEHSLSEGETAKKFASTSTNGTNTVQSIV
TNAGMGVGVGNLTIFPHQWINLRTNNCATIVMPYINNVPMDNMFRHHNFTLMIIPFVPLDYSSDSSTYVPITVTVAPMCA
EYNGLRLATSL
;
B
3 'polypeptide(L)'
;GLPVMNTPGSNQFLTSDDFQSPSAMPQFDVTPELNIPGEVQNLMEIAEVDSVVPVNNVEGKLDTMEIYRIPVQSGNHQSS
QVFGFQVQPGLDNVFKHTLLGEILNYYAHWSGSIKLTFVFCGSAMATGKFLLAYAPPGANAPKSRKDAMLGTHIIWDVGL
QSSCVLCIPWISQTHYRLVQQDEYTSAGNVTCWYQTGIVVPAGTPTSCSIMCFVSACNDFSVRLLKDTPFIEQSALLQ
;
C
4 'polypeptide(L)' MGAQVSTQKTGAHETGLNASGRSIIHYTNINYYKDAASNSANRQDFSQDPGKFTEPVKDIMVKSLPALN D
#
loop_
_chem_comp.id
_chem_comp.type
_chem_comp.name
_chem_comp.formula
SPH non-polymer SPHINGOSINE 'C18 H37 N O2'
#
# COMPACT_ATOMS: atom_id res chain seq x y z
N VAL A 1 -12.53 -35.64 -25.87
CA VAL A 1 -12.01 -35.59 -24.52
C VAL A 1 -12.57 -34.41 -23.74
N VAL A 2 -12.86 -34.64 -22.48
CA VAL A 2 -13.33 -33.64 -21.53
C VAL A 2 -12.56 -33.81 -20.24
N GLU A 3 -12.16 -32.70 -19.63
CA GLU A 3 -11.45 -32.71 -18.37
C GLU A 3 -12.19 -31.90 -17.34
N ALA A 4 -12.49 -32.52 -16.20
CA ALA A 4 -13.18 -31.85 -15.11
C ALA A 4 -12.19 -31.12 -14.23
N VAL A 5 -12.40 -29.82 -14.06
CA VAL A 5 -11.56 -28.97 -13.22
C VAL A 5 -12.36 -28.55 -12.00
N GLU A 6 -11.79 -28.74 -10.83
CA GLU A 6 -12.47 -28.45 -9.59
C GLU A 6 -12.10 -27.08 -9.07
N ASN A 7 -13.08 -26.38 -8.51
CA ASN A 7 -12.91 -25.04 -7.98
C ASN A 7 -13.26 -25.04 -6.50
N ALA A 8 -12.28 -24.75 -5.66
CA ALA A 8 -12.47 -24.71 -4.22
C ALA A 8 -13.09 -23.37 -3.84
N VAL A 9 -14.26 -23.41 -3.24
CA VAL A 9 -14.90 -22.20 -2.72
C VAL A 9 -14.27 -21.88 -1.36
N ALA A 10 -14.09 -20.58 -1.10
CA ALA A 10 -13.41 -20.13 0.11
C ALA A 10 -14.32 -19.17 0.86
N ARG A 11 -14.84 -19.60 1.99
CA ARG A 11 -15.71 -18.78 2.81
C ARG A 11 -14.98 -18.34 4.09
N VAL A 12 -15.61 -17.40 4.80
CA VAL A 12 -15.05 -16.83 6.02
C VAL A 12 -15.30 -17.76 7.19
N ALA A 13 -14.67 -17.50 8.33
CA ALA A 13 -14.74 -18.39 9.46
C ALA A 13 -16.07 -18.27 10.20
N ASP A 14 -16.54 -19.40 10.72
CA ASP A 14 -17.72 -19.41 11.59
C ASP A 14 -17.35 -18.89 12.97
N THR A 15 -18.34 -18.34 13.66
CA THR A 15 -18.16 -17.97 15.05
C THR A 15 -18.71 -19.09 15.94
N ILE A 16 -17.96 -19.43 16.97
CA ILE A 16 -18.31 -20.55 17.83
C ILE A 16 -19.00 -20.03 19.08
N SER A 17 -19.71 -20.92 19.76
CA SER A 17 -20.43 -20.58 20.96
C SER A 17 -19.48 -20.51 22.15
N SER A 18 -19.71 -19.54 23.03
CA SER A 18 -18.83 -19.32 24.16
C SER A 18 -19.64 -18.90 25.37
N GLY A 19 -19.20 -19.32 26.55
CA GLY A 19 -19.89 -19.02 27.79
C GLY A 19 -19.06 -18.20 28.75
N PRO A 20 -19.53 -18.08 30.00
CA PRO A 20 -18.80 -17.29 31.00
C PRO A 20 -17.45 -17.88 31.34
N SER A 21 -16.58 -17.05 31.90
CA SER A 21 -15.20 -17.42 32.16
C SER A 21 -14.64 -16.64 33.32
N ASN A 22 -13.76 -17.30 34.09
CA ASN A 22 -13.05 -16.65 35.19
C ASN A 22 -11.74 -17.42 35.36
N SER A 23 -10.66 -16.91 34.78
CA SER A 23 -9.40 -17.65 34.75
C SER A 23 -8.25 -16.67 34.57
N GLN A 24 -7.07 -17.21 34.29
CA GLN A 24 -5.87 -16.42 34.09
C GLN A 24 -5.56 -16.14 32.63
N ALA A 25 -6.30 -16.74 31.71
CA ALA A 25 -6.15 -16.43 30.30
C ALA A 25 -6.61 -15.01 30.03
N VAL A 26 -5.72 -14.20 29.45
CA VAL A 26 -6.03 -12.81 29.15
C VAL A 26 -5.90 -12.54 27.65
N PRO A 27 -6.85 -13.00 26.83
CA PRO A 27 -6.74 -12.78 25.38
C PRO A 27 -6.77 -11.32 24.97
N ALA A 28 -7.33 -10.42 25.77
CA ALA A 28 -7.50 -9.03 25.39
C ALA A 28 -6.32 -8.15 25.74
N LEU A 29 -5.32 -8.67 26.45
CA LEU A 29 -4.14 -7.90 26.82
C LEU A 29 -2.99 -8.26 25.89
N THR A 30 -2.43 -7.25 25.23
CA THR A 30 -1.42 -7.48 24.21
C THR A 30 -0.32 -6.42 24.36
N ALA A 31 0.51 -6.30 23.34
CA ALA A 31 1.54 -5.28 23.28
C ALA A 31 1.82 -5.00 21.82
N VAL A 32 1.52 -3.78 21.37
CA VAL A 32 1.71 -3.45 19.97
C VAL A 32 3.17 -3.17 19.63
N GLU A 33 4.04 -3.04 20.63
CA GLU A 33 5.44 -2.73 20.38
C GLU A 33 6.12 -3.81 19.58
N THR A 34 5.59 -5.04 19.59
CA THR A 34 6.24 -6.13 18.89
C THR A 34 6.11 -6.05 17.38
N GLY A 35 5.20 -5.22 16.88
CA GLY A 35 4.88 -5.22 15.46
C GLY A 35 3.86 -6.26 15.06
N HIS A 36 3.18 -6.86 16.01
CA HIS A 36 2.24 -7.94 15.79
C HIS A 36 0.81 -7.43 15.96
N THR A 37 -0.10 -7.91 15.11
CA THR A 37 -1.50 -7.53 15.19
C THR A 37 -2.30 -8.64 15.86
N SER A 38 -3.13 -8.27 16.82
CA SER A 38 -3.84 -9.23 17.65
C SER A 38 -4.85 -10.04 16.84
N GLN A 39 -4.86 -11.34 17.06
CA GLN A 39 -5.81 -12.24 16.41
C GLN A 39 -6.94 -12.63 17.36
N VAL A 40 -7.69 -11.65 17.87
CA VAL A 40 -8.80 -11.92 18.77
C VAL A 40 -10.11 -11.78 18.01
N THR A 41 -11.06 -12.64 18.34
CA THR A 41 -12.41 -12.66 17.79
C THR A 41 -13.42 -12.29 18.87
N PRO A 42 -14.65 -11.95 18.49
CA PRO A 42 -15.67 -11.64 19.50
C PRO A 42 -15.86 -12.72 20.54
N SER A 43 -15.66 -13.98 20.20
CA SER A 43 -15.89 -15.06 21.15
C SER A 43 -14.88 -15.08 22.29
N ASP A 44 -13.83 -14.26 22.22
CA ASP A 44 -12.85 -14.18 23.29
C ASP A 44 -13.17 -13.11 24.32
N THR A 45 -14.16 -12.26 24.06
CA THR A 45 -14.42 -11.12 24.94
C THR A 45 -15.86 -11.06 25.44
N ILE A 46 -16.80 -11.64 24.69
CA ILE A 46 -18.21 -11.66 25.08
C ILE A 46 -18.72 -13.09 24.94
N GLN A 47 -19.98 -13.30 25.36
CA GLN A 47 -20.68 -14.54 25.14
C GLN A 47 -21.33 -14.51 23.75
N THR A 48 -21.18 -15.59 23.00
CA THR A 48 -21.61 -15.63 21.62
C THR A 48 -22.48 -16.85 21.37
N ARG A 49 -23.32 -16.76 20.34
CA ARG A 49 -24.01 -17.91 19.80
C ARG A 49 -23.22 -18.49 18.63
N HIS A 50 -23.56 -19.70 18.24
CA HIS A 50 -22.98 -20.32 17.06
C HIS A 50 -23.66 -19.79 15.80
N VAL A 51 -22.86 -19.33 14.84
CA VAL A 51 -23.36 -18.88 13.54
C VAL A 51 -22.57 -19.61 12.45
N ARG A 52 -23.27 -20.11 11.45
CA ARG A 52 -22.67 -20.65 10.24
C ARG A 52 -22.62 -19.54 9.20
N ASN A 53 -21.43 -19.10 8.86
CA ASN A 53 -21.24 -17.98 7.94
C ASN A 53 -20.97 -18.51 6.54
N TYR A 54 -21.75 -18.03 5.57
CA TYR A 54 -21.62 -18.44 4.18
C TYR A 54 -21.02 -17.37 3.28
N HIS A 55 -20.52 -16.28 3.84
CA HIS A 55 -19.95 -15.21 3.02
C HIS A 55 -18.60 -15.61 2.44
N SER A 56 -18.32 -15.10 1.25
CA SER A 56 -17.12 -15.45 0.50
C SER A 56 -16.34 -14.19 0.16
N ARG A 57 -15.02 -14.29 0.18
CA ARG A 57 -14.13 -13.18 -0.17
C ARG A 57 -13.75 -13.22 -1.64
N SER A 58 -14.71 -13.40 -2.54
CA SER A 58 -14.39 -13.64 -3.93
C SER A 58 -14.14 -12.37 -4.71
N GLU A 59 -14.79 -11.27 -4.36
CA GLU A 59 -14.66 -10.05 -5.15
C GLU A 59 -13.51 -9.17 -4.67
N SER A 60 -12.78 -9.60 -3.63
CA SER A 60 -11.64 -8.84 -3.14
C SER A 60 -10.31 -9.51 -3.45
N SER A 61 -10.30 -10.59 -4.23
CA SER A 61 -9.05 -11.12 -4.73
C SER A 61 -8.44 -10.16 -5.74
N ILE A 62 -7.11 -10.26 -5.92
CA ILE A 62 -6.41 -9.30 -6.75
C ILE A 62 -6.88 -9.35 -8.19
N GLU A 63 -7.17 -10.54 -8.71
CA GLU A 63 -7.57 -10.68 -10.10
C GLU A 63 -8.92 -10.01 -10.35
N ASN A 64 -9.90 -10.27 -9.49
CA ASN A 64 -11.21 -9.62 -9.66
C ASN A 64 -11.13 -8.13 -9.37
N PHE A 65 -10.18 -7.71 -8.53
CA PHE A 65 -10.01 -6.30 -8.24
C PHE A 65 -9.42 -5.52 -9.40
N LEU A 66 -8.48 -6.11 -10.15
CA LEU A 66 -7.79 -5.37 -11.20
C LEU A 66 -8.29 -5.66 -12.61
N CYS A 67 -9.06 -6.72 -12.83
CA CYS A 67 -9.46 -7.12 -14.18
C CYS A 67 -10.71 -6.37 -14.62
N ARG A 68 -10.54 -5.08 -14.89
CA ARG A 68 -11.54 -4.25 -15.54
C ARG A 68 -10.83 -3.26 -16.44
N SER A 69 -11.54 -2.75 -17.45
CA SER A 69 -10.94 -1.84 -18.41
C SER A 69 -11.03 -0.40 -17.93
N ALA A 70 -9.94 0.34 -18.13
CA ALA A 70 -9.88 1.74 -17.76
C ALA A 70 -9.23 2.54 -18.87
N CYS A 71 -9.67 3.78 -19.02
CA CYS A 71 -9.08 4.68 -20.00
C CYS A 71 -7.70 5.11 -19.53
N VAL A 72 -6.73 5.14 -20.45
CA VAL A 72 -5.37 5.54 -20.10
C VAL A 72 -4.87 6.66 -21.01
N TYR A 73 -5.52 6.89 -22.15
CA TYR A 73 -5.08 7.96 -23.03
C TYR A 73 -6.20 8.36 -23.98
N MET A 74 -6.24 9.66 -24.31
CA MET A 74 -7.13 10.22 -25.32
C MET A 74 -6.35 11.22 -26.16
N GLY A 75 -6.59 11.24 -27.47
CA GLY A 75 -5.88 12.14 -28.35
C GLY A 75 -6.64 12.47 -29.62
N GLU A 76 -6.25 13.57 -30.25
CA GLU A 76 -6.95 14.11 -31.41
C GLU A 76 -6.05 14.14 -32.64
N TYR A 77 -6.67 14.08 -33.82
CA TYR A 77 -5.93 14.22 -35.06
C TYR A 77 -6.88 14.58 -36.21
N HIS A 78 -6.36 15.31 -37.18
CA HIS A 78 -7.15 15.90 -38.26
C HIS A 78 -6.91 15.18 -39.59
N THR A 79 -7.82 15.42 -40.53
CA THR A 79 -7.63 14.97 -41.92
C THR A 79 -7.03 16.04 -42.80
N THR A 80 -7.15 17.31 -42.43
CA THR A 80 -6.67 18.41 -43.25
C THR A 80 -6.26 19.55 -42.34
N ASN A 81 -5.05 20.07 -42.52
CA ASN A 81 -4.57 21.17 -41.70
C ASN A 81 -3.42 21.85 -42.41
N THR A 82 -2.78 22.80 -41.73
CA THR A 82 -1.64 23.52 -42.26
C THR A 82 -0.42 23.34 -41.36
N ASP A 83 -0.38 22.22 -40.66
CA ASP A 83 0.69 21.95 -39.70
C ASP A 83 1.42 20.64 -39.99
N THR A 84 0.72 19.64 -40.52
CA THR A 84 1.28 18.37 -40.97
C THR A 84 1.81 17.54 -39.81
N SER A 85 1.82 18.12 -38.60
CA SER A 85 2.05 17.36 -37.39
C SER A 85 0.78 17.08 -36.64
N LYS A 86 -0.31 17.75 -36.98
CA LYS A 86 -1.62 17.50 -36.41
C LYS A 86 -2.45 16.55 -37.26
N LEU A 87 -1.86 15.95 -38.27
CA LEU A 87 -2.53 14.96 -39.10
C LEU A 87 -2.43 13.56 -38.54
N PHE A 88 -1.62 13.33 -37.50
CA PHE A 88 -1.53 12.03 -36.86
C PHE A 88 -1.27 12.23 -35.38
N ALA A 89 -1.64 11.23 -34.58
CA ALA A 89 -1.42 11.26 -33.16
C ALA A 89 -0.32 10.28 -32.76
N SER A 90 0.42 10.62 -31.71
CA SER A 90 1.49 9.75 -31.25
C SER A 90 1.73 9.99 -29.77
N TRP A 91 2.05 8.92 -29.05
CA TRP A 91 2.33 9.07 -27.63
C TRP A 91 3.17 7.90 -27.12
N THR A 92 3.85 8.14 -25.99
CA THR A 92 4.63 7.11 -25.31
C THR A 92 3.76 6.33 -24.35
N ILE A 93 3.99 5.02 -24.28
CA ILE A 93 3.10 4.12 -23.56
C ILE A 93 3.43 4.14 -22.06
N ASN A 94 2.42 4.39 -21.24
CA ASN A 94 2.48 4.19 -19.80
C ASN A 94 1.05 4.23 -19.26
N ALA A 95 0.93 4.13 -17.95
CA ALA A 95 -0.36 4.20 -17.27
C ALA A 95 -0.32 5.24 -16.17
N ARG A 96 0.16 6.44 -16.47
CA ARG A 96 0.35 7.45 -15.46
C ARG A 96 -0.42 8.75 -15.70
N ARG A 97 -1.25 8.82 -16.73
CA ARG A 97 -1.91 10.08 -17.05
C ARG A 97 -3.36 10.15 -16.57
N MET A 98 -4.02 9.01 -16.38
CA MET A 98 -5.35 8.98 -15.80
C MET A 98 -5.26 8.48 -14.36
N VAL A 99 -5.77 9.28 -13.42
CA VAL A 99 -5.43 9.08 -12.02
C VAL A 99 -6.11 7.87 -11.38
N GLN A 100 -7.25 7.41 -11.91
CA GLN A 100 -7.96 6.34 -11.25
C GLN A 100 -7.21 5.01 -11.35
N MET A 101 -6.90 4.58 -12.58
CA MET A 101 -6.16 3.34 -12.74
C MET A 101 -4.77 3.43 -12.12
N ARG A 102 -4.16 4.60 -12.16
CA ARG A 102 -2.79 4.71 -11.68
C ARG A 102 -2.74 4.73 -10.15
N ARG A 103 -3.76 5.28 -9.50
CA ARG A 103 -3.80 5.13 -8.05
C ARG A 103 -4.11 3.71 -7.66
N LYS A 104 -4.97 3.04 -8.44
CA LYS A 104 -5.26 1.64 -8.14
C LYS A 104 -4.04 0.75 -8.29
N LEU A 105 -3.20 1.00 -9.30
CA LEU A 105 -2.00 0.19 -9.51
C LEU A 105 -0.94 0.44 -8.44
N GLU A 106 -0.86 1.65 -7.91
CA GLU A 106 0.19 2.02 -6.98
C GLU A 106 -0.05 1.56 -5.56
N LEU A 107 -1.04 0.71 -5.31
CA LEU A 107 -1.15 0.06 -4.02
C LEU A 107 -0.07 -0.99 -3.79
N PHE A 108 0.69 -1.33 -4.82
CA PHE A 108 1.72 -2.35 -4.75
C PHE A 108 3.00 -1.81 -5.36
N THR A 109 4.12 -2.40 -4.96
CA THR A 109 5.42 -1.96 -5.47
C THR A 109 5.72 -2.58 -6.83
N TYR A 110 5.45 -3.87 -6.97
CA TYR A 110 5.77 -4.61 -8.19
C TYR A 110 4.54 -5.37 -8.68
N VAL A 111 4.38 -5.42 -9.99
CA VAL A 111 3.23 -6.06 -10.64
C VAL A 111 3.70 -6.80 -11.88
N ARG A 112 3.01 -7.87 -12.22
CA ARG A 112 3.32 -8.68 -13.40
C ARG A 112 2.03 -9.23 -13.97
N PHE A 113 1.80 -9.02 -15.26
CA PHE A 113 0.56 -9.48 -15.88
C PHE A 113 0.62 -9.37 -17.40
N ASP A 114 -0.33 -10.04 -18.06
CA ASP A 114 -0.65 -9.78 -19.45
C ASP A 114 -1.72 -8.71 -19.53
N MET A 115 -1.95 -8.20 -20.74
CA MET A 115 -2.84 -7.08 -20.95
C MET A 115 -3.80 -7.35 -22.10
N GLU A 116 -4.99 -6.78 -22.01
CA GLU A 116 -5.95 -6.72 -23.10
C GLU A 116 -6.20 -5.25 -23.41
N VAL A 117 -6.04 -4.87 -24.67
CA VAL A 117 -6.07 -3.48 -25.10
C VAL A 117 -7.25 -3.29 -26.04
N THR A 118 -8.02 -2.23 -25.80
CA THR A 118 -9.15 -1.88 -26.63
C THR A 118 -9.04 -0.41 -27.05
N PHE A 119 -9.53 -0.09 -28.23
CA PHE A 119 -9.53 1.28 -28.73
C PHE A 119 -10.94 1.72 -29.10
N VAL A 120 -11.25 2.98 -28.80
CA VAL A 120 -12.54 3.56 -29.14
C VAL A 120 -12.29 4.85 -29.91
N ILE A 121 -12.68 4.86 -31.18
CA ILE A 121 -12.37 5.96 -32.10
C ILE A 121 -13.68 6.61 -32.54
N THR A 122 -13.73 7.93 -32.49
CA THR A 122 -14.90 8.67 -32.96
C THR A 122 -14.45 9.81 -33.85
N SER A 123 -15.32 10.24 -34.75
CA SER A 123 -15.04 11.33 -35.67
C SER A 123 -16.15 12.37 -35.62
N LYS A 124 -15.83 13.57 -36.10
CA LYS A 124 -16.80 14.65 -36.14
C LYS A 124 -16.39 15.66 -37.20
N GLN A 125 -17.36 16.50 -37.57
CA GLN A 125 -17.18 17.49 -38.62
C GLN A 125 -16.69 18.79 -38.03
N ASP A 126 -15.77 19.44 -38.73
CA ASP A 126 -15.25 20.71 -38.27
C ASP A 126 -16.18 21.85 -38.67
N GLN A 127 -16.32 22.83 -37.79
CA GLN A 127 -17.32 23.88 -37.98
C GLN A 127 -16.93 24.72 -39.18
N GLY A 128 -17.71 24.62 -40.25
CA GLY A 128 -17.57 25.46 -41.40
C GLY A 128 -18.89 26.12 -41.75
N THR A 129 -18.80 27.16 -42.59
CA THR A 129 -19.99 27.94 -42.94
C THR A 129 -20.87 27.17 -43.91
N GLN A 130 -20.27 26.53 -44.91
CA GLN A 130 -21.00 25.74 -45.89
C GLN A 130 -20.89 24.27 -45.52
N LEU A 131 -22.04 23.64 -45.26
CA LEU A 131 -22.11 22.22 -44.98
C LEU A 131 -22.75 21.48 -46.14
N GLY A 132 -22.81 20.16 -46.01
CA GLY A 132 -23.47 19.35 -47.01
C GLY A 132 -22.52 18.65 -47.97
N GLN A 133 -22.27 17.38 -47.68
CA GLN A 133 -21.55 16.48 -48.57
C GLN A 133 -21.72 15.08 -48.02
N ASP A 134 -21.58 14.09 -48.88
CA ASP A 134 -21.64 12.70 -48.47
C ASP A 134 -20.21 12.18 -48.47
N MET A 135 -19.81 11.58 -47.36
CA MET A 135 -18.46 11.08 -47.24
C MET A 135 -18.49 9.56 -47.07
N PRO A 136 -17.59 8.85 -47.74
CA PRO A 136 -17.51 7.39 -47.57
C PRO A 136 -16.99 7.04 -46.19
N PRO A 137 -17.09 5.77 -45.79
CA PRO A 137 -16.59 5.38 -44.46
C PRO A 137 -15.11 5.64 -44.29
N LEU A 138 -14.73 6.11 -43.11
CA LEU A 138 -13.34 6.41 -42.81
C LEU A 138 -12.62 5.18 -42.27
N THR A 139 -11.36 5.05 -42.64
CA THR A 139 -10.49 3.98 -42.16
C THR A 139 -9.31 4.58 -41.40
N HIS A 140 -8.93 3.91 -40.31
CA HIS A 140 -7.87 4.37 -39.43
C HIS A 140 -6.81 3.30 -39.29
N GLN A 141 -5.57 3.74 -39.12
CA GLN A 141 -4.44 2.84 -38.89
C GLN A 141 -3.78 3.17 -37.56
N ILE A 142 -3.52 2.12 -36.77
CA ILE A 142 -2.81 2.20 -35.50
C ILE A 142 -1.54 1.35 -35.61
N MET A 143 -0.39 1.96 -35.34
CA MET A 143 0.89 1.26 -35.41
C MET A 143 1.62 1.38 -34.07
N TYR A 144 2.17 0.26 -33.61
CA TYR A 144 2.99 0.23 -32.41
C TYR A 144 4.46 0.15 -32.80
N ILE A 145 5.26 1.05 -32.23
CA ILE A 145 6.69 1.08 -32.56
C ILE A 145 7.50 0.78 -31.30
N PRO A 146 8.18 -0.36 -31.24
CA PRO A 146 9.06 -0.64 -30.11
C PRO A 146 10.30 0.23 -30.16
N PRO A 147 10.97 0.45 -29.01
CA PRO A 147 12.09 1.40 -28.98
C PRO A 147 13.21 1.06 -29.93
N GLY A 148 13.64 2.03 -30.72
CA GLY A 148 14.66 1.82 -31.74
C GLY A 148 14.15 1.85 -33.17
N GLY A 149 12.85 1.72 -33.41
CA GLY A 149 12.31 1.73 -34.74
C GLY A 149 12.21 3.12 -35.31
N PRO A 150 12.13 3.22 -36.64
CA PRO A 150 12.02 4.54 -37.28
C PRO A 150 10.69 5.21 -36.99
N ILE A 151 10.73 6.54 -37.00
CA ILE A 151 9.60 7.37 -36.59
C ILE A 151 8.99 8.06 -37.81
N PRO A 152 7.66 8.01 -37.97
CA PRO A 152 7.03 8.70 -39.10
C PRO A 152 7.20 10.21 -39.01
N LYS A 153 7.38 10.85 -40.16
CA LYS A 153 7.46 12.30 -40.23
C LYS A 153 6.17 12.93 -40.75
N SER A 154 5.37 12.18 -41.50
CA SER A 154 4.12 12.70 -42.03
C SER A 154 3.13 11.54 -42.17
N VAL A 155 1.97 11.84 -42.75
CA VAL A 155 0.97 10.79 -42.99
C VAL A 155 1.20 10.04 -44.29
N THR A 156 2.24 10.37 -45.04
CA THR A 156 2.55 9.68 -46.28
C THR A 156 3.97 9.10 -46.23
N ASP A 157 4.55 9.08 -45.04
CA ASP A 157 5.90 8.55 -44.86
C ASP A 157 5.94 7.05 -45.17
N TYR A 158 7.09 6.60 -45.67
CA TYR A 158 7.26 5.19 -46.01
C TYR A 158 7.08 4.28 -44.81
N THR A 159 7.29 4.79 -43.59
CA THR A 159 7.27 3.95 -42.40
C THR A 159 5.92 3.30 -42.14
N TRP A 160 4.84 3.82 -42.73
CA TRP A 160 3.58 3.12 -42.50
C TRP A 160 3.47 1.81 -43.30
N GLN A 161 4.54 1.39 -43.99
CA GLN A 161 4.60 0.06 -44.61
C GLN A 161 4.36 -1.05 -43.60
N THR A 162 4.71 -0.82 -42.33
CA THR A 162 4.45 -1.71 -41.20
C THR A 162 4.83 -3.15 -41.49
N SER A 163 5.98 -3.32 -42.15
CA SER A 163 6.42 -4.65 -42.54
C SER A 163 6.65 -5.55 -41.34
N THR A 164 7.26 -5.02 -40.28
CA THR A 164 7.54 -5.81 -39.10
C THR A 164 6.83 -5.30 -37.84
N ASN A 165 6.50 -4.02 -37.77
CA ASN A 165 5.68 -3.51 -36.68
C ASN A 165 4.26 -4.07 -36.79
N PRO A 166 3.62 -4.41 -35.68
CA PRO A 166 2.20 -4.78 -35.73
C PRO A 166 1.31 -3.56 -35.82
N SER A 167 0.32 -3.63 -36.70
CA SER A 167 -0.64 -2.56 -36.89
C SER A 167 -2.05 -3.10 -36.94
N ILE A 168 -3.01 -2.20 -36.74
CA ILE A 168 -4.43 -2.46 -36.84
C ILE A 168 -5.02 -1.52 -37.88
N PHE A 169 -5.83 -2.06 -38.79
CA PHE A 169 -6.63 -1.27 -39.71
C PHE A 169 -8.10 -1.44 -39.33
N TRP A 170 -8.85 -0.35 -39.30
CA TRP A 170 -10.22 -0.40 -38.80
C TRP A 170 -11.08 0.60 -39.55
N THR A 171 -12.37 0.33 -39.65
CA THR A 171 -13.30 1.23 -40.30
C THR A 171 -14.52 1.47 -39.43
N GLU A 172 -15.03 2.70 -39.45
CA GLU A 172 -16.05 3.14 -38.52
C GLU A 172 -17.39 2.46 -38.75
N GLY A 173 -18.09 2.18 -37.66
CA GLY A 173 -19.34 1.46 -37.70
C GLY A 173 -19.25 0.01 -37.29
N ASN A 174 -18.06 -0.49 -36.96
CA ASN A 174 -17.83 -1.85 -36.54
C ASN A 174 -17.57 -1.89 -35.03
N ALA A 175 -17.36 -3.10 -34.52
CA ALA A 175 -17.02 -3.25 -33.11
C ALA A 175 -15.66 -2.61 -32.84
N PRO A 176 -15.41 -2.20 -31.59
CA PRO A 176 -14.11 -1.60 -31.28
C PRO A 176 -12.99 -2.61 -31.40
N PRO A 177 -11.82 -2.19 -31.86
CA PRO A 177 -10.71 -3.14 -32.03
C PRO A 177 -10.12 -3.56 -30.69
N ARG A 178 -9.54 -4.76 -30.67
CA ARG A 178 -9.03 -5.34 -29.44
C ARG A 178 -7.91 -6.32 -29.73
N MET A 179 -6.88 -6.33 -28.87
CA MET A 179 -5.82 -7.34 -28.95
C MET A 179 -5.13 -7.49 -27.61
N SER A 180 -4.45 -8.62 -27.42
CA SER A 180 -3.79 -8.91 -26.15
C SER A 180 -2.28 -8.89 -26.29
N ILE A 181 -1.62 -8.47 -25.20
CA ILE A 181 -0.19 -8.25 -25.13
C ILE A 181 0.37 -9.07 -23.98
N PRO A 182 1.47 -9.78 -24.17
CA PRO A 182 2.07 -10.51 -23.05
C PRO A 182 2.90 -9.60 -22.14
N PHE A 183 3.50 -10.19 -21.11
CA PHE A 183 4.31 -9.48 -20.13
C PHE A 183 5.67 -9.14 -20.76
N ILE A 184 5.84 -7.88 -21.16
CA ILE A 184 7.03 -7.46 -21.87
C ILE A 184 7.89 -6.53 -21.01
N SER A 185 8.81 -7.08 -20.24
CA SER A 185 9.77 -6.27 -19.54
C SER A 185 11.07 -7.02 -19.36
N ILE A 186 12.18 -6.29 -19.47
CA ILE A 186 13.50 -6.90 -19.31
C ILE A 186 13.77 -7.33 -17.89
N GLY A 187 12.93 -6.93 -16.93
CA GLY A 187 13.02 -7.38 -15.56
C GLY A 187 12.07 -8.53 -15.28
N ASN A 188 12.14 -9.04 -14.06
CA ASN A 188 11.26 -10.14 -13.66
C ASN A 188 9.86 -9.66 -13.28
N ALA A 189 9.69 -8.39 -12.95
CA ALA A 189 8.36 -7.84 -12.70
C ALA A 189 8.41 -6.34 -12.96
N TYR A 190 7.24 -5.77 -13.24
CA TYR A 190 7.14 -4.33 -13.44
C TYR A 190 7.46 -3.60 -12.13
N SER A 191 7.92 -2.38 -12.26
CA SER A 191 8.25 -1.56 -11.09
C SER A 191 7.42 -0.28 -11.13
N ASN A 192 6.65 -0.03 -10.07
CA ASN A 192 5.85 1.18 -9.97
C ASN A 192 6.60 2.32 -9.30
N PHE A 193 7.62 2.02 -8.52
CA PHE A 193 8.42 3.02 -7.82
C PHE A 193 9.89 2.64 -7.96
N TYR A 194 10.75 3.63 -8.17
CA TYR A 194 12.17 3.38 -8.34
C TYR A 194 12.93 4.50 -7.65
N ASP A 195 13.56 4.18 -6.53
CA ASP A 195 14.29 5.18 -5.74
C ASP A 195 15.76 5.15 -6.17
N GLY A 196 16.01 5.59 -7.39
CA GLY A 196 17.36 5.52 -7.94
C GLY A 196 17.51 6.44 -9.14
N TRP A 197 18.70 6.38 -9.72
CA TRP A 197 19.09 7.27 -10.81
C TRP A 197 19.41 6.46 -12.05
N SER A 198 19.70 7.16 -13.14
CA SER A 198 20.08 6.51 -14.38
C SER A 198 21.59 6.45 -14.58
N HIS A 199 22.34 7.42 -14.06
CA HIS A 199 23.78 7.44 -14.20
C HIS A 199 24.45 6.99 -12.91
N PHE A 200 25.59 6.31 -13.06
CA PHE A 200 26.30 5.76 -11.91
C PHE A 200 26.88 6.83 -11.00
N SER A 201 26.90 8.08 -11.43
CA SER A 201 27.34 9.19 -10.60
C SER A 201 26.21 9.78 -9.76
N GLN A 202 25.10 9.06 -9.62
CA GLN A 202 23.98 9.44 -8.75
C GLN A 202 23.33 10.75 -9.18
N ASN A 203 23.20 10.93 -10.49
CA ASN A 203 22.55 12.10 -11.06
C ASN A 203 21.91 11.66 -12.38
N GLY A 204 21.42 12.62 -13.15
CA GLY A 204 20.72 12.32 -14.39
C GLY A 204 19.21 12.37 -14.22
N VAL A 205 18.54 11.26 -14.52
CA VAL A 205 17.09 11.15 -14.42
C VAL A 205 16.74 10.35 -13.17
N TYR A 206 15.81 10.88 -12.37
CA TYR A 206 15.39 10.24 -11.14
C TYR A 206 14.02 9.60 -11.30
N GLY A 207 13.87 8.40 -10.77
CA GLY A 207 12.56 7.84 -10.50
C GLY A 207 12.09 6.90 -11.60
N TYR A 208 10.82 7.07 -12.00
CA TYR A 208 10.12 6.05 -12.78
C TYR A 208 10.57 6.00 -14.24
N ASN A 209 10.82 7.14 -14.88
CA ASN A 209 11.12 7.15 -16.30
C ASN A 209 12.40 6.42 -16.64
N THR A 210 13.24 6.05 -15.67
CA THR A 210 14.47 5.32 -15.95
C THR A 210 14.21 3.90 -16.45
N LEU A 211 13.08 3.29 -16.11
CA LEU A 211 12.92 1.86 -16.24
C LEU A 211 11.85 1.41 -17.23
N ASN A 212 11.00 2.30 -17.73
CA ASN A 212 9.84 1.79 -18.46
C ASN A 212 10.17 1.45 -19.91
N HIS A 213 10.49 2.44 -20.74
CA HIS A 213 10.95 2.26 -22.11
C HIS A 213 10.19 1.18 -22.89
N MET A 214 8.91 1.41 -23.19
CA MET A 214 8.11 0.40 -23.86
C MET A 214 7.55 0.81 -25.22
N GLY A 215 8.11 1.82 -25.89
CA GLY A 215 7.71 2.14 -27.24
C GLY A 215 6.69 3.26 -27.34
N GLN A 216 6.13 3.40 -28.54
CA GLN A 216 5.18 4.47 -28.83
C GLN A 216 4.03 3.93 -29.67
N ILE A 217 2.98 4.74 -29.77
CA ILE A 217 1.82 4.47 -30.60
C ILE A 217 1.62 5.63 -31.55
N TYR A 218 1.34 5.31 -32.83
CA TYR A 218 1.02 6.29 -33.87
C TYR A 218 -0.30 5.93 -34.52
N VAL A 219 -1.13 6.93 -34.81
CA VAL A 219 -2.47 6.72 -35.38
C VAL A 219 -2.70 7.76 -36.47
N ARG A 220 -3.28 7.32 -37.59
CA ARG A 220 -3.60 8.21 -38.70
C ARG A 220 -4.88 7.80 -39.40
N HIS A 221 -5.41 8.71 -40.23
CA HIS A 221 -6.44 8.39 -41.21
C HIS A 221 -5.79 7.77 -42.44
N VAL A 222 -6.48 6.81 -43.04
CA VAL A 222 -5.94 6.13 -44.22
C VAL A 222 -6.46 6.73 -45.53
N ASN A 223 -7.60 7.41 -45.49
CA ASN A 223 -8.25 7.85 -46.72
C ASN A 223 -7.44 8.94 -47.43
N GLY A 224 -6.90 9.89 -46.68
CA GLY A 224 -6.18 10.99 -47.30
C GLY A 224 -7.06 11.79 -48.24
N SER A 225 -8.02 12.52 -47.66
CA SER A 225 -9.21 12.95 -48.38
C SER A 225 -9.84 14.17 -47.73
N SER A 226 -11.14 14.35 -47.96
CA SER A 226 -11.98 15.27 -47.20
C SER A 226 -11.65 16.73 -47.45
N PRO A 227 -12.02 17.27 -48.62
CA PRO A 227 -11.92 18.72 -48.82
C PRO A 227 -12.52 19.52 -47.69
N LEU A 228 -13.59 19.03 -47.08
CA LEU A 228 -14.03 19.65 -45.82
C LEU A 228 -13.40 18.91 -44.65
N PRO A 229 -12.76 19.61 -43.73
CA PRO A 229 -11.96 18.92 -42.71
C PRO A 229 -12.80 18.23 -41.65
N MET A 230 -12.25 17.13 -41.13
CA MET A 230 -12.84 16.38 -40.05
C MET A 230 -11.84 16.24 -38.91
N THR A 231 -12.32 15.78 -37.76
CA THR A 231 -11.45 15.61 -36.60
C THR A 231 -11.82 14.31 -35.90
N SER A 232 -10.81 13.51 -35.57
CA SER A 232 -11.01 12.25 -34.88
C SER A 232 -10.38 12.30 -33.50
N THR A 233 -10.99 11.58 -32.57
CA THR A 233 -10.45 11.35 -31.24
C THR A 233 -10.36 9.86 -30.98
N VAL A 234 -9.22 9.44 -30.43
CA VAL A 234 -8.94 8.05 -30.10
C VAL A 234 -8.76 7.94 -28.60
N ARG A 235 -9.34 6.88 -28.01
CA ARG A 235 -9.20 6.58 -26.59
C ARG A 235 -8.74 5.14 -26.44
N MET A 236 -7.84 4.92 -25.49
CA MET A 236 -7.22 3.62 -25.27
C MET A 236 -7.59 3.06 -23.91
N TYR A 237 -7.87 1.76 -23.83
CA TYR A 237 -8.30 1.14 -22.59
C TYR A 237 -7.45 -0.10 -22.31
N PHE A 238 -6.99 -0.21 -21.07
CA PHE A 238 -6.15 -1.30 -20.60
C PHE A 238 -6.95 -2.23 -19.70
N LYS A 239 -6.62 -3.52 -19.75
CA LYS A 239 -7.23 -4.45 -18.82
C LYS A 239 -6.23 -5.55 -18.47
N PRO A 240 -5.71 -5.58 -17.25
CA PRO A 240 -4.72 -6.58 -16.89
C PRO A 240 -5.35 -7.91 -16.54
N LYS A 241 -4.62 -8.99 -16.84
CA LYS A 241 -5.09 -10.33 -16.52
C LYS A 241 -3.88 -11.23 -16.26
N HIS A 242 -4.12 -12.33 -15.54
CA HIS A 242 -3.08 -13.26 -15.08
C HIS A 242 -2.05 -12.53 -14.22
N VAL A 243 -2.55 -11.97 -13.12
CA VAL A 243 -1.87 -10.94 -12.35
C VAL A 243 -1.08 -11.56 -11.20
N LYS A 244 -0.01 -10.87 -10.81
CA LYS A 244 0.69 -11.11 -9.55
C LYS A 244 1.28 -9.80 -9.06
N VAL A 245 1.15 -9.53 -7.76
CA VAL A 245 1.61 -8.27 -7.17
C VAL A 245 2.37 -8.55 -5.89
N TRP A 246 3.29 -7.65 -5.54
CA TRP A 246 4.12 -7.81 -4.35
C TRP A 246 4.23 -6.49 -3.59
N VAL A 247 4.50 -6.62 -2.28
CA VAL A 247 4.86 -5.52 -1.37
C VAL A 247 3.84 -4.39 -1.32
N PRO A 248 2.72 -4.56 -0.61
CA PRO A 248 1.70 -3.52 -0.57
C PRO A 248 2.16 -2.24 0.12
N ARG A 249 1.53 -1.13 -0.25
CA ARG A 249 1.90 0.22 0.16
C ARG A 249 0.67 0.98 0.63
N PRO A 250 0.85 2.07 1.36
CA PRO A 250 -0.29 2.89 1.76
C PRO A 250 -0.84 3.67 0.57
N PRO A 251 -2.15 3.84 0.48
CA PRO A 251 -2.74 4.51 -0.67
C PRO A 251 -2.42 6.00 -0.72
N ARG A 252 -2.38 6.51 -1.94
CA ARG A 252 -2.00 7.90 -2.18
C ARG A 252 -3.00 8.84 -1.56
N LEU A 253 -2.52 9.77 -0.73
CA LEU A 253 -3.37 10.74 -0.07
C LEU A 253 -3.45 12.06 -0.84
N CYS A 254 -2.32 12.60 -1.26
CA CYS A 254 -2.27 13.88 -1.94
C CYS A 254 -2.66 13.71 -3.40
N GLN A 255 -3.02 14.81 -4.04
CA GLN A 255 -3.38 14.76 -5.45
C GLN A 255 -2.11 14.72 -6.31
N TYR A 256 -2.23 14.11 -7.48
CA TYR A 256 -1.12 14.01 -8.41
C TYR A 256 -0.86 15.35 -9.08
N LYS A 257 0.39 15.57 -9.48
CA LYS A 257 0.80 16.81 -10.12
C LYS A 257 1.21 16.64 -11.58
N ASN A 258 2.02 15.64 -11.89
CA ASN A 258 2.44 15.39 -13.26
C ASN A 258 2.67 13.89 -13.42
N ALA A 259 2.98 13.48 -14.65
CA ALA A 259 3.10 12.07 -14.94
C ALA A 259 4.49 11.51 -14.69
N SER A 260 5.48 12.36 -14.44
CA SER A 260 6.85 11.89 -14.28
C SER A 260 7.20 11.60 -12.82
N THR A 261 6.78 12.46 -11.90
CA THR A 261 7.27 12.43 -10.53
C THR A 261 6.20 11.93 -9.56
N VAL A 262 6.55 11.94 -8.28
CA VAL A 262 5.59 11.70 -7.20
C VAL A 262 5.36 13.01 -6.46
N ASN A 263 5.57 14.14 -7.12
CA ASN A 263 5.50 15.44 -6.46
C ASN A 263 4.07 15.73 -5.98
N PHE A 264 3.99 16.47 -4.88
CA PHE A 264 2.71 16.70 -4.21
C PHE A 264 2.77 18.01 -3.45
N THR A 265 1.63 18.49 -3.12
CA THR A 265 1.34 19.58 -2.21
C THR A 265 0.87 19.03 -0.87
N PRO A 266 1.36 19.58 0.24
CA PRO A 266 0.97 19.05 1.56
C PRO A 266 -0.53 19.16 1.78
N THR A 267 -1.14 18.06 2.22
CA THR A 267 -2.57 17.98 2.48
C THR A 267 -2.82 17.54 3.92
N ASN A 268 -4.05 17.79 4.38
CA ASN A 268 -4.44 17.42 5.73
C ASN A 268 -4.60 15.92 5.86
N ILE A 269 -4.78 15.47 7.11
CA ILE A 269 -5.00 14.05 7.34
C ILE A 269 -6.48 13.69 7.15
N THR A 270 -7.38 14.60 7.51
CA THR A 270 -8.83 14.45 7.33
C THR A 270 -9.48 15.82 7.56
N GLU A 271 -10.80 15.88 7.54
CA GLU A 271 -11.52 17.10 7.88
C GLU A 271 -11.91 17.07 9.36
N LYS A 272 -12.36 18.21 9.84
CA LYS A 272 -12.51 18.45 11.27
C LYS A 272 -13.92 18.12 11.74
N ARG A 273 -14.11 18.18 13.06
CA ARG A 273 -15.43 18.14 13.69
C ARG A 273 -15.38 19.09 14.88
N GLN A 274 -16.47 19.13 15.65
CA GLN A 274 -16.61 20.14 16.69
C GLN A 274 -15.62 19.94 17.83
N SER A 275 -15.63 18.75 18.44
CA SER A 275 -14.73 18.44 19.54
C SER A 275 -14.59 16.93 19.63
N ILE A 276 -13.63 16.48 20.43
CA ILE A 276 -13.26 15.07 20.48
C ILE A 276 -14.41 14.20 20.98
N ASN A 277 -15.48 14.83 21.49
CA ASN A 277 -16.62 14.09 21.99
C ASN A 277 -17.88 14.23 21.15
N TYR A 278 -17.83 14.93 20.01
CA TYR A 278 -19.06 15.33 19.34
C TYR A 278 -19.80 14.13 18.77
N ILE A 279 -21.10 14.09 19.03
CA ILE A 279 -22.02 13.03 18.63
C ILE A 279 -23.20 13.67 17.91
N PRO A 280 -23.56 13.23 16.71
CA PRO A 280 -24.80 13.71 16.10
C PRO A 280 -26.00 12.94 16.64
N GLU A 281 -26.96 13.70 17.16
CA GLU A 281 -28.18 13.12 17.71
C GLU A 281 -29.18 12.87 16.60
N THR A 282 -29.68 11.63 16.53
CA THR A 282 -30.61 11.24 15.48
C THR A 282 -31.91 10.66 15.99
N VAL A 283 -32.09 10.50 17.30
CA VAL A 283 -33.34 9.98 17.84
C VAL A 283 -34.05 11.12 18.56
N LYS A 284 -34.87 11.87 17.83
CA LYS A 284 -35.58 13.01 18.35
C LYS A 284 -37.02 12.94 17.84
N PRO A 285 -38.01 13.30 18.66
CA PRO A 285 -39.40 13.29 18.22
C PRO A 285 -39.75 14.51 17.36
N ASP B 1 12.48 -14.01 28.79
CA ASP B 1 11.80 -13.78 27.52
C ASP B 1 12.16 -12.41 26.93
N ARG B 2 12.66 -11.51 27.76
CA ARG B 2 13.00 -10.16 27.35
C ARG B 2 14.48 -9.98 27.02
N VAL B 3 15.30 -10.98 27.30
CA VAL B 3 16.74 -10.88 27.08
C VAL B 3 17.08 -11.53 25.75
N ARG B 4 18.01 -10.93 25.02
CA ARG B 4 18.35 -11.43 23.69
C ARG B 4 19.82 -11.17 23.42
N SER B 5 20.41 -12.03 22.59
CA SER B 5 21.79 -11.92 22.17
C SER B 5 21.90 -12.22 20.68
N ILE B 6 22.62 -11.38 19.94
CA ILE B 6 22.82 -11.57 18.50
C ILE B 6 24.29 -11.48 18.18
N THR B 7 24.83 -12.52 17.54
CA THR B 7 26.23 -12.57 17.14
C THR B 7 26.36 -12.59 15.63
N LEU B 8 27.22 -11.73 15.09
CA LEU B 8 27.55 -11.75 13.67
C LEU B 8 29.01 -11.37 13.49
N GLY B 9 29.77 -12.25 12.86
CA GLY B 9 31.18 -11.98 12.61
C GLY B 9 31.96 -11.95 13.91
N ASN B 10 32.60 -10.82 14.16
CA ASN B 10 33.27 -10.58 15.42
C ASN B 10 32.54 -9.56 16.29
N SER B 11 31.22 -9.46 16.16
CA SER B 11 30.45 -8.48 16.90
C SER B 11 29.23 -9.13 17.55
N THR B 12 28.84 -8.59 18.70
CA THR B 12 27.73 -9.15 19.46
C THR B 12 26.94 -8.01 20.09
N ILE B 13 25.62 -8.16 20.08
CA ILE B 13 24.72 -7.23 20.75
C ILE B 13 23.94 -7.98 21.81
N THR B 14 23.91 -7.43 23.02
CA THR B 14 23.08 -7.93 24.09
C THR B 14 21.96 -6.93 24.36
N THR B 15 20.82 -7.43 24.82
CA THR B 15 19.75 -6.55 25.29
C THR B 15 18.95 -7.23 26.37
N GLN B 16 18.46 -6.43 27.32
CA GLN B 16 17.69 -6.94 28.44
C GLN B 16 16.23 -6.50 28.45
N GLU B 17 15.80 -5.67 27.51
CA GLU B 17 14.43 -5.15 27.45
C GLU B 17 13.90 -5.16 26.02
N SER B 18 13.97 -6.30 25.34
CA SER B 18 13.52 -6.39 23.97
C SER B 18 12.08 -6.89 23.92
N ALA B 19 11.37 -6.54 22.85
CA ALA B 19 10.01 -7.02 22.66
C ALA B 19 9.98 -8.38 21.97
N ASN B 20 10.45 -8.42 20.74
CA ASN B 20 10.55 -9.62 19.91
C ASN B 20 11.41 -9.23 18.71
N VAL B 21 11.44 -10.07 17.68
CA VAL B 21 12.15 -9.74 16.44
C VAL B 21 11.18 -9.84 15.27
N VAL B 22 11.19 -8.83 14.41
CA VAL B 22 10.37 -8.83 13.21
C VAL B 22 11.18 -9.38 12.04
N VAL B 23 10.65 -10.40 11.39
CA VAL B 23 11.21 -10.93 10.15
C VAL B 23 10.31 -10.46 9.03
N ALA B 24 10.85 -9.62 8.15
CA ALA B 24 10.07 -8.69 7.31
C ALA B 24 8.80 -9.28 6.72
N TYR B 25 8.89 -10.34 5.93
CA TYR B 25 7.69 -10.98 5.40
C TYR B 25 7.74 -12.49 5.64
N GLY B 26 8.29 -12.91 6.77
CA GLY B 26 8.51 -14.31 7.02
C GLY B 26 9.67 -14.92 6.26
N ARG B 27 10.53 -14.10 5.67
CA ARG B 27 11.62 -14.58 4.83
C ARG B 27 12.95 -14.12 5.38
N TRP B 28 13.85 -15.08 5.62
CA TRP B 28 15.20 -14.80 6.06
C TRP B 28 16.10 -14.57 4.86
N PRO B 29 17.17 -13.78 4.99
CA PRO B 29 18.11 -13.62 3.88
C PRO B 29 18.80 -14.92 3.51
N GLU B 30 19.16 -15.05 2.24
CA GLU B 30 19.85 -16.24 1.75
C GLU B 30 20.58 -15.89 0.47
N TYR B 31 21.46 -16.80 0.04
CA TYR B 31 22.25 -16.60 -1.17
C TYR B 31 21.40 -16.89 -2.42
N LEU B 32 21.88 -16.40 -3.56
CA LEU B 32 21.20 -16.60 -4.82
C LEU B 32 21.40 -18.02 -5.32
N LYS B 33 20.33 -18.64 -5.82
CA LYS B 33 20.40 -20.02 -6.28
C LYS B 33 20.66 -20.07 -7.79
N ASP B 34 20.90 -21.29 -8.28
CA ASP B 34 21.36 -21.48 -9.64
C ASP B 34 20.24 -21.29 -10.67
N ASN B 35 19.00 -21.65 -10.32
CA ASN B 35 17.88 -21.48 -11.23
C ASN B 35 17.23 -20.11 -11.10
N GLU B 36 17.93 -19.13 -10.52
CA GLU B 36 17.46 -17.76 -10.50
C GLU B 36 18.56 -16.77 -10.86
N ALA B 37 19.72 -17.24 -11.29
CA ALA B 37 20.84 -16.36 -11.59
C ALA B 37 20.85 -16.03 -13.07
N THR B 38 21.43 -14.88 -13.40
CA THR B 38 21.66 -14.49 -14.78
C THR B 38 23.11 -14.15 -15.08
N ALA B 39 23.85 -13.58 -14.12
CA ALA B 39 25.26 -13.25 -14.31
C ALA B 39 26.10 -14.51 -14.17
N GLU B 40 27.09 -14.66 -15.04
CA GLU B 40 27.74 -15.95 -15.23
C GLU B 40 29.06 -16.11 -14.48
N ASP B 41 29.74 -15.03 -14.12
CA ASP B 41 31.03 -15.17 -13.44
C ASP B 41 30.84 -15.63 -12.00
N GLN B 42 31.89 -16.26 -11.47
CA GLN B 42 31.86 -16.75 -10.09
C GLN B 42 31.85 -15.57 -9.13
N PRO B 43 30.91 -15.53 -8.18
CA PRO B 43 30.84 -14.42 -7.24
C PRO B 43 31.77 -14.61 -6.04
N THR B 44 32.10 -13.51 -5.39
CA THR B 44 32.91 -13.51 -4.18
C THR B 44 31.99 -13.40 -2.97
N GLN B 45 32.38 -14.05 -1.87
CA GLN B 45 31.60 -14.07 -0.64
C GLN B 45 32.52 -13.93 0.57
N PRO B 46 32.75 -12.70 1.05
CA PRO B 46 33.73 -12.48 2.14
C PRO B 46 33.34 -13.09 3.48
N ASP B 47 32.08 -12.96 3.87
CA ASP B 47 31.39 -13.77 4.87
C ASP B 47 31.70 -13.51 6.34
N VAL B 48 32.82 -12.89 6.68
CA VAL B 48 32.96 -12.32 8.02
C VAL B 48 33.55 -10.93 8.01
N ALA B 49 34.23 -10.54 6.94
CA ALA B 49 34.73 -9.19 6.81
C ALA B 49 33.65 -8.19 6.44
N THR B 50 32.52 -8.65 5.91
CA THR B 50 31.43 -7.76 5.54
C THR B 50 30.18 -7.96 6.36
N CYS B 51 29.97 -9.14 6.95
CA CYS B 51 28.69 -9.46 7.61
C CYS B 51 28.85 -9.32 9.12
N ARG B 52 28.75 -8.08 9.59
CA ARG B 52 29.00 -7.71 10.98
C ARG B 52 28.31 -6.38 11.24
N PHE B 53 28.15 -6.04 12.52
CA PHE B 53 27.45 -4.83 12.91
C PHE B 53 28.33 -3.59 12.77
N TYR B 54 27.84 -2.61 12.02
CA TYR B 54 28.41 -1.28 11.94
C TYR B 54 27.47 -0.29 12.61
N THR B 55 28.04 0.63 13.38
CA THR B 55 27.28 1.63 14.11
C THR B 55 27.41 2.99 13.43
N LEU B 56 26.28 3.65 13.20
CA LEU B 56 26.26 5.00 12.65
C LEU B 56 26.39 6.00 13.80
N GLU B 57 26.31 7.30 13.49
CA GLU B 57 26.36 8.32 14.53
C GLU B 57 24.95 8.64 15.03
N SER B 58 24.88 9.09 16.28
CA SER B 58 23.63 9.20 16.99
C SER B 58 22.96 10.55 16.77
N VAL B 59 21.65 10.59 17.04
CA VAL B 59 20.88 11.82 16.99
C VAL B 59 20.32 12.09 18.39
N THR B 60 19.93 13.34 18.62
CA THR B 60 19.43 13.79 19.91
C THR B 60 17.92 13.95 19.81
N TRP B 61 17.18 13.17 20.59
CA TRP B 61 15.73 13.28 20.66
C TRP B 61 15.35 14.43 21.58
N GLU B 62 14.81 15.50 21.02
CA GLU B 62 14.40 16.66 21.79
C GLU B 62 12.89 16.72 21.94
N ARG B 63 12.42 17.70 22.70
CA ARG B 63 10.99 17.78 23.01
C ARG B 63 10.15 18.03 21.77
N ASP B 64 10.68 18.79 20.81
CA ASP B 64 10.00 18.99 19.53
C ASP B 64 10.93 18.51 18.43
N SER B 65 10.89 17.20 18.19
CA SER B 65 11.69 16.59 17.13
C SER B 65 10.75 15.93 16.13
N PRO B 66 10.82 16.29 14.87
CA PRO B 66 9.93 15.67 13.88
C PRO B 66 10.31 14.25 13.48
N GLY B 67 11.58 13.93 13.36
CA GLY B 67 11.97 12.58 12.97
C GLY B 67 13.15 12.59 12.02
N TRP B 68 13.59 11.38 11.66
CA TRP B 68 14.82 11.22 10.89
C TRP B 68 14.68 10.08 9.87
N TRP B 69 15.49 10.11 8.82
CA TRP B 69 15.55 8.99 7.88
C TRP B 69 16.97 8.79 7.35
N TRP B 70 17.26 7.54 6.97
CA TRP B 70 18.49 7.14 6.31
C TRP B 70 18.15 6.32 5.06
N LYS B 71 19.09 6.24 4.13
CA LYS B 71 18.94 5.46 2.91
C LYS B 71 19.95 4.32 2.87
N PHE B 72 19.50 3.13 2.49
CA PHE B 72 20.35 1.94 2.48
C PHE B 72 20.27 1.27 1.11
N PRO B 73 21.41 0.95 0.50
CA PRO B 73 22.77 1.26 0.97
C PRO B 73 23.11 2.73 0.78
N ASP B 74 24.40 3.06 0.71
CA ASP B 74 24.93 4.43 0.64
C ASP B 74 25.09 5.05 2.02
N ALA B 75 24.56 4.39 3.04
CA ALA B 75 24.94 4.76 4.40
C ALA B 75 26.07 3.90 4.93
N LEU B 76 26.45 2.84 4.22
CA LEU B 76 27.54 1.96 4.61
C LEU B 76 28.64 1.90 3.57
N LYS B 77 28.75 2.91 2.72
CA LYS B 77 29.74 2.88 1.66
C LYS B 77 31.13 3.29 2.13
N ASP B 78 31.26 3.82 3.34
CA ASP B 78 32.57 4.06 3.95
C ASP B 78 32.78 3.19 5.18
N MET B 79 32.16 2.02 5.25
CA MET B 79 32.23 1.15 6.42
C MET B 79 33.10 -0.07 6.09
N GLY B 80 34.38 0.01 6.42
CA GLY B 80 35.24 -1.16 6.36
C GLY B 80 35.33 -1.78 4.99
N LEU B 81 35.27 -3.11 4.96
CA LEU B 81 35.40 -3.88 3.73
C LEU B 81 34.11 -4.03 2.98
N PHE B 82 32.95 -3.78 3.62
CA PHE B 82 31.70 -3.73 2.88
C PHE B 82 31.72 -2.59 1.87
N GLY B 83 32.16 -1.41 2.30
CA GLY B 83 32.32 -0.29 1.38
C GLY B 83 33.36 -0.53 0.30
N GLN B 84 34.47 -1.17 0.63
CA GLN B 84 35.49 -1.45 -0.38
C GLN B 84 35.02 -2.47 -1.40
N ASN B 85 34.29 -3.50 -0.97
CA ASN B 85 33.69 -4.42 -1.92
C ASN B 85 32.60 -3.76 -2.75
N MET B 86 31.95 -2.72 -2.22
CA MET B 86 30.99 -1.96 -3.01
C MET B 86 31.66 -1.15 -4.13
N TYR B 87 32.89 -0.69 -3.91
CA TYR B 87 33.53 0.23 -4.85
C TYR B 87 34.18 -0.47 -6.04
N TYR B 88 34.46 -1.77 -5.94
CA TYR B 88 35.20 -2.48 -6.97
C TYR B 88 34.34 -3.39 -7.83
N HIS B 89 33.06 -3.52 -7.52
CA HIS B 89 32.18 -4.42 -8.25
C HIS B 89 31.04 -3.64 -8.88
N TYR B 90 30.43 -4.27 -9.88
CA TYR B 90 29.28 -3.69 -10.56
C TYR B 90 27.97 -4.13 -9.94
N LEU B 91 27.91 -5.34 -9.40
CA LEU B 91 26.68 -5.89 -8.84
C LEU B 91 26.90 -6.36 -7.41
N GLY B 92 25.93 -6.06 -6.55
CA GLY B 92 25.96 -6.51 -5.17
C GLY B 92 24.59 -6.95 -4.71
N ARG B 93 24.57 -7.70 -3.60
CA ARG B 93 23.33 -8.24 -3.05
C ARG B 93 23.49 -8.62 -1.57
N ALA B 94 22.56 -8.16 -0.71
CA ALA B 94 22.68 -8.42 0.71
C ALA B 94 21.36 -8.16 1.43
N GLY B 95 21.11 -8.95 2.48
CA GLY B 95 20.10 -8.64 3.48
C GLY B 95 20.70 -7.94 4.68
N TYR B 96 19.86 -7.60 5.66
CA TYR B 96 20.31 -6.78 6.77
C TYR B 96 19.61 -7.12 8.08
N THR B 97 20.30 -6.86 9.18
CA THR B 97 19.73 -6.84 10.52
C THR B 97 19.89 -5.43 11.07
N ILE B 98 18.78 -4.79 11.43
CA ILE B 98 18.77 -3.44 11.95
C ILE B 98 18.43 -3.49 13.43
N HIS B 99 19.14 -2.69 14.23
CA HIS B 99 18.94 -2.63 15.67
C HIS B 99 19.00 -1.18 16.12
N VAL B 100 17.91 -0.68 16.70
CA VAL B 100 17.81 0.70 17.18
C VAL B 100 17.73 0.67 18.70
N GLN B 101 18.58 1.48 19.34
CA GLN B 101 18.65 1.55 20.80
C GLN B 101 18.29 2.94 21.27
N CYS B 102 17.47 3.02 22.32
CA CYS B 102 17.18 4.27 23.01
C CYS B 102 16.66 3.91 24.40
N ASN B 103 17.40 4.26 25.44
CA ASN B 103 17.01 3.98 26.81
C ASN B 103 16.70 5.27 27.56
N ALA B 104 15.84 5.15 28.58
CA ALA B 104 15.46 6.26 29.43
C ALA B 104 14.94 5.70 30.74
N SER B 105 14.65 6.59 31.68
CA SER B 105 14.26 6.18 33.02
C SER B 105 12.75 5.96 33.11
N LYS B 106 12.31 5.40 34.24
CA LYS B 106 10.90 5.16 34.51
C LYS B 106 10.13 6.43 34.83
N PHE B 107 10.75 7.60 34.75
CA PHE B 107 10.06 8.86 34.93
C PHE B 107 9.97 9.66 33.63
N HIS B 108 10.44 9.10 32.52
CA HIS B 108 10.33 9.69 31.20
C HIS B 108 9.15 9.08 30.46
N GLN B 109 8.77 9.70 29.34
CA GLN B 109 7.71 9.17 28.49
C GLN B 109 7.96 9.56 27.04
N GLY B 110 7.44 8.73 26.14
CA GLY B 110 7.58 8.97 24.72
C GLY B 110 7.45 7.69 23.94
N CYS B 111 7.15 7.82 22.64
CA CYS B 111 6.90 6.67 21.79
C CYS B 111 7.43 6.93 20.39
N LEU B 112 8.24 6.00 19.88
CA LEU B 112 8.84 6.10 18.56
C LEU B 112 8.38 4.97 17.67
N MET B 113 8.23 5.27 16.38
CA MET B 113 7.97 4.28 15.35
C MET B 113 9.23 4.07 14.52
N VAL B 114 9.61 2.81 14.32
CA VAL B 114 10.79 2.42 13.57
C VAL B 114 10.31 1.60 12.40
N VAL B 115 10.49 2.10 11.17
CA VAL B 115 9.91 1.46 10.00
C VAL B 115 10.92 1.43 8.85
N CYS B 116 10.89 0.34 8.08
CA CYS B 116 11.72 0.18 6.88
C CYS B 116 10.82 0.15 5.64
N VAL B 117 11.06 1.08 4.72
CA VAL B 117 10.21 1.31 3.56
C VAL B 117 10.99 0.95 2.29
N PRO B 118 10.61 -0.10 1.57
CA PRO B 118 11.30 -0.42 0.31
C PRO B 118 10.90 0.54 -0.81
N GLU B 119 11.88 0.99 -1.58
CA GLU B 119 11.66 1.86 -2.74
C GLU B 119 10.92 3.14 -2.35
N ALA B 120 11.47 3.87 -1.38
CA ALA B 120 10.84 5.09 -0.90
C ALA B 120 11.19 6.28 -1.78
N GLU B 121 10.43 6.49 -2.85
CA GLU B 121 10.66 7.57 -3.80
C GLU B 121 10.05 8.87 -3.27
N MET B 122 10.84 9.94 -3.28
CA MET B 122 10.47 11.18 -2.60
C MET B 122 10.27 12.32 -3.59
N GLY B 123 9.55 13.36 -3.14
CA GLY B 123 9.20 14.49 -3.97
C GLY B 123 9.86 15.78 -3.53
N CYS B 124 9.92 16.74 -4.47
CA CYS B 124 10.59 18.01 -4.25
C CYS B 124 9.62 19.04 -3.69
N SER B 125 10.18 20.01 -2.96
CA SER B 125 9.33 21.07 -2.41
C SER B 125 8.81 21.99 -3.50
N GLN B 126 9.51 22.08 -4.63
CA GLN B 126 8.98 22.74 -5.82
C GLN B 126 8.32 21.69 -6.70
N VAL B 127 7.03 21.87 -6.99
CA VAL B 127 6.29 20.81 -7.68
C VAL B 127 6.67 20.76 -9.15
N ASP B 128 7.15 21.88 -9.71
CA ASP B 128 7.69 21.89 -11.06
C ASP B 128 9.21 21.80 -10.98
N GLY B 129 9.69 20.67 -10.47
CA GLY B 129 11.11 20.50 -10.27
C GLY B 129 11.48 19.06 -10.06
N THR B 130 12.78 18.83 -9.87
CA THR B 130 13.31 17.50 -9.61
C THR B 130 14.25 17.55 -8.43
N VAL B 131 14.44 16.40 -7.80
CA VAL B 131 15.28 16.29 -6.62
C VAL B 131 16.71 16.01 -7.02
N ASN B 132 17.63 16.30 -6.11
CA ASN B 132 19.00 15.85 -6.24
C ASN B 132 19.38 14.93 -5.07
N GLU B 133 20.54 14.28 -5.20
CA GLU B 133 20.89 13.21 -4.28
C GLU B 133 21.38 13.74 -2.94
N HIS B 134 21.91 14.97 -2.90
CA HIS B 134 22.32 15.52 -1.62
C HIS B 134 21.11 15.75 -0.70
N SER B 135 19.98 16.15 -1.27
CA SER B 135 18.77 16.33 -0.49
C SER B 135 18.14 15.01 -0.06
N LEU B 136 18.52 13.90 -0.68
CA LEU B 136 17.99 12.60 -0.32
C LEU B 136 18.78 11.90 0.76
N SER B 137 20.08 12.20 0.90
CA SER B 137 20.94 11.38 1.73
C SER B 137 22.22 12.14 2.06
N GLU B 138 22.74 11.91 3.26
CA GLU B 138 24.03 12.46 3.68
C GLU B 138 24.92 11.37 4.26
N GLY B 139 24.79 10.14 3.77
CA GLY B 139 25.62 9.04 4.22
C GLY B 139 25.27 8.53 5.60
N GLU B 140 26.20 8.66 6.54
CA GLU B 140 25.95 8.21 7.90
C GLU B 140 25.25 9.26 8.75
N THR B 141 25.16 10.48 8.26
CA THR B 141 24.39 11.52 8.94
C THR B 141 22.92 11.43 8.49
N ALA B 142 22.02 11.74 9.41
CA ALA B 142 20.60 11.62 9.16
C ALA B 142 20.05 12.89 8.51
N LYS B 143 19.07 12.70 7.64
CA LYS B 143 18.23 13.80 7.20
C LYS B 143 17.13 14.01 8.23
N LYS B 144 16.61 15.24 8.28
CA LYS B 144 15.63 15.62 9.28
C LYS B 144 14.30 15.95 8.63
N PHE B 145 13.23 15.32 9.11
CA PHE B 145 11.89 15.75 8.74
C PHE B 145 11.65 17.15 9.29
N ALA B 146 10.61 17.81 8.78
CA ALA B 146 10.32 19.18 9.14
C ALA B 146 9.06 19.27 10.00
N SER B 147 8.71 20.50 10.38
CA SER B 147 7.54 20.77 11.20
C SER B 147 6.38 21.38 10.42
N THR B 148 6.66 22.05 9.31
CA THR B 148 5.63 22.64 8.47
C THR B 148 5.98 22.34 7.02
N SER B 149 5.25 22.96 6.11
CA SER B 149 5.57 22.82 4.70
C SER B 149 6.90 23.50 4.40
N THR B 150 7.73 22.84 3.61
CA THR B 150 9.02 23.39 3.23
C THR B 150 8.92 24.16 1.92
N ASN B 151 9.86 25.06 1.71
CA ASN B 151 9.92 25.86 0.49
C ASN B 151 11.35 26.00 0.02
N GLY B 152 11.58 26.92 -0.92
CA GLY B 152 12.90 27.06 -1.49
C GLY B 152 13.17 25.95 -2.49
N THR B 153 14.30 26.06 -3.19
CA THR B 153 14.62 25.12 -4.25
C THR B 153 15.49 23.98 -3.73
N ASN B 154 15.38 22.84 -4.40
CA ASN B 154 16.32 21.73 -4.26
C ASN B 154 16.19 20.98 -2.94
N THR B 155 15.30 21.40 -2.05
CA THR B 155 15.05 20.63 -0.84
C THR B 155 13.84 19.72 -0.99
N VAL B 156 13.80 18.64 -0.25
CA VAL B 156 12.72 17.67 -0.29
C VAL B 156 11.55 18.17 0.57
N GLN B 157 10.34 18.00 0.06
CA GLN B 157 9.14 18.35 0.83
C GLN B 157 9.01 17.39 2.00
N SER B 158 9.28 17.86 3.21
CA SER B 158 9.54 16.97 4.33
C SER B 158 8.67 17.21 5.56
N ILE B 159 7.44 17.71 5.40
CA ILE B 159 6.54 17.78 6.54
C ILE B 159 6.15 16.37 6.96
N VAL B 160 6.24 16.10 8.26
CA VAL B 160 6.17 14.73 8.76
C VAL B 160 4.86 14.03 8.45
N THR B 161 3.75 14.76 8.37
CA THR B 161 2.46 14.11 8.23
C THR B 161 2.32 13.36 6.92
N ASN B 162 2.99 13.82 5.87
CA ASN B 162 2.93 13.16 4.58
C ASN B 162 4.12 12.25 4.32
N ALA B 163 5.09 12.22 5.23
CA ALA B 163 6.26 11.34 5.15
C ALA B 163 7.06 11.57 3.88
N GLY B 164 6.87 12.74 3.26
CA GLY B 164 7.56 13.06 2.03
C GLY B 164 7.24 12.17 0.86
N MET B 165 6.13 11.44 0.90
CA MET B 165 5.74 10.53 -0.18
C MET B 165 4.31 10.74 -0.64
N GLY B 166 3.57 11.68 -0.05
CA GLY B 166 2.18 11.89 -0.41
C GLY B 166 1.23 10.87 0.15
N VAL B 167 1.47 10.37 1.35
CA VAL B 167 0.62 9.40 2.01
C VAL B 167 0.29 9.90 3.40
N GLY B 168 -0.57 9.16 4.10
CA GLY B 168 -0.82 9.42 5.51
C GLY B 168 0.19 8.67 6.37
N VAL B 169 0.80 9.39 7.31
CA VAL B 169 1.87 8.81 8.11
C VAL B 169 1.37 7.70 9.03
N GLY B 170 0.10 7.71 9.42
CA GLY B 170 -0.47 6.67 10.24
C GLY B 170 -0.69 5.34 9.56
N ASN B 171 -0.44 5.25 8.26
CA ASN B 171 -0.63 4.02 7.50
C ASN B 171 0.70 3.30 7.23
N LEU B 172 1.81 3.92 7.59
CA LEU B 172 3.13 3.31 7.42
C LEU B 172 3.28 1.97 8.13
N THR B 173 2.31 1.59 8.96
CA THR B 173 2.32 0.28 9.58
C THR B 173 2.09 -0.85 8.59
N ILE B 174 1.83 -0.54 7.31
CA ILE B 174 1.77 -1.62 6.32
C ILE B 174 3.14 -2.22 6.04
N PHE B 175 4.22 -1.51 6.34
CA PHE B 175 5.59 -1.97 6.12
C PHE B 175 6.10 -2.68 7.36
N PRO B 176 7.26 -3.36 7.28
CA PRO B 176 7.85 -3.94 8.49
C PRO B 176 8.27 -2.86 9.48
N HIS B 177 7.89 -3.05 10.74
CA HIS B 177 8.05 -1.96 11.71
C HIS B 177 8.03 -2.52 13.12
N GLN B 178 8.46 -1.67 14.07
CA GLN B 178 8.26 -1.89 15.49
C GLN B 178 8.09 -0.54 16.19
N TRP B 179 7.76 -0.58 17.47
CA TRP B 179 7.62 0.61 18.29
C TRP B 179 8.58 0.55 19.48
N ILE B 180 9.07 1.72 19.88
CA ILE B 180 9.81 1.87 21.13
C ILE B 180 8.95 2.74 22.04
N ASN B 181 8.31 2.11 23.01
CA ASN B 181 7.52 2.80 24.02
C ASN B 181 8.35 2.85 25.29
N LEU B 182 8.67 4.06 25.76
CA LEU B 182 9.71 4.22 26.77
C LEU B 182 9.37 3.51 28.06
N ARG B 183 8.09 3.23 28.33
CA ARG B 183 7.74 2.49 29.53
C ARG B 183 7.79 0.98 29.35
N THR B 184 8.01 0.49 28.13
CA THR B 184 7.94 -0.94 27.84
C THR B 184 9.29 -1.53 27.46
N ASN B 185 9.95 -0.98 26.45
CA ASN B 185 11.17 -1.57 25.91
C ASN B 185 12.15 -0.47 25.57
N ASN B 186 13.38 -0.86 25.21
CA ASN B 186 14.39 0.14 24.86
C ASN B 186 15.12 -0.19 23.57
N CYS B 187 14.60 -1.08 22.74
CA CYS B 187 15.29 -1.41 21.50
C CYS B 187 14.31 -2.05 20.52
N ALA B 188 14.60 -1.85 19.24
CA ALA B 188 13.84 -2.44 18.15
C ALA B 188 14.78 -3.20 17.24
N THR B 189 14.29 -4.29 16.65
CA THR B 189 15.11 -5.16 15.81
C THR B 189 14.30 -5.64 14.62
N ILE B 190 14.82 -5.42 13.42
CA ILE B 190 14.15 -5.83 12.18
C ILE B 190 15.14 -6.59 11.31
N VAL B 191 14.72 -7.73 10.78
CA VAL B 191 15.53 -8.53 9.87
C VAL B 191 14.92 -8.42 8.47
N MET B 192 15.66 -7.85 7.52
CA MET B 192 15.18 -7.53 6.20
C MET B 192 15.88 -8.37 5.15
N PRO B 193 15.15 -9.11 4.32
CA PRO B 193 15.77 -9.81 3.20
C PRO B 193 15.96 -8.90 1.98
N TYR B 194 16.58 -9.47 0.97
CA TYR B 194 16.79 -8.74 -0.28
C TYR B 194 15.49 -8.64 -1.06
N ILE B 195 15.06 -7.42 -1.37
CA ILE B 195 13.79 -7.16 -2.02
C ILE B 195 14.02 -6.27 -3.22
N ASN B 196 13.76 -6.79 -4.41
CA ASN B 196 13.99 -6.09 -5.67
C ASN B 196 13.25 -6.85 -6.76
N ASN B 197 13.15 -6.24 -7.94
CA ASN B 197 12.55 -6.90 -9.08
C ASN B 197 13.59 -7.57 -9.99
N VAL B 198 14.87 -7.47 -9.65
CA VAL B 198 15.94 -8.17 -10.35
C VAL B 198 16.82 -8.84 -9.32
N PRO B 199 17.53 -9.91 -9.69
CA PRO B 199 18.26 -10.69 -8.67
C PRO B 199 19.49 -10.00 -8.09
N MET B 200 20.13 -9.09 -8.82
CA MET B 200 21.25 -8.30 -8.29
C MET B 200 21.12 -6.90 -8.85
N ASP B 201 21.90 -5.97 -8.30
CA ASP B 201 21.79 -4.60 -8.74
C ASP B 201 23.04 -3.82 -8.32
N ASN B 202 23.21 -2.65 -8.92
CA ASN B 202 24.32 -1.77 -8.59
C ASN B 202 23.98 -0.97 -7.36
N MET B 203 24.92 -0.91 -6.41
CA MET B 203 24.66 -0.40 -5.08
C MET B 203 24.86 1.10 -4.95
N PHE B 204 25.47 1.76 -5.93
CA PHE B 204 25.59 3.21 -5.91
C PHE B 204 24.40 3.91 -6.55
N ARG B 205 23.73 3.25 -7.48
CA ARG B 205 22.69 3.86 -8.28
C ARG B 205 21.30 3.75 -7.66
N HIS B 206 21.04 2.72 -6.88
CA HIS B 206 19.69 2.38 -6.43
C HIS B 206 19.66 2.28 -4.90
N HIS B 207 18.78 3.06 -4.27
CA HIS B 207 18.51 2.91 -2.84
C HIS B 207 17.48 1.83 -2.63
N ASN B 208 17.85 0.77 -1.92
CA ASN B 208 16.95 -0.37 -1.78
C ASN B 208 15.86 -0.10 -0.74
N PHE B 209 16.21 0.53 0.38
CA PHE B 209 15.16 0.86 1.34
C PHE B 209 15.57 2.02 2.23
N THR B 210 14.55 2.71 2.74
CA THR B 210 14.74 3.84 3.65
C THR B 210 14.33 3.45 5.06
N LEU B 211 15.13 3.87 6.04
CA LEU B 211 14.82 3.65 7.45
C LEU B 211 14.31 4.96 8.05
N MET B 212 13.12 4.92 8.62
CA MET B 212 12.46 6.09 9.18
C MET B 212 12.24 5.88 10.68
N ILE B 213 12.54 6.93 11.45
CA ILE B 213 12.30 6.94 12.89
C ILE B 213 11.46 8.18 13.19
N ILE B 214 10.21 7.95 13.59
CA ILE B 214 9.25 9.05 13.76
C ILE B 214 8.60 8.97 15.14
N PRO B 215 8.75 10.00 15.97
CA PRO B 215 8.10 9.98 17.30
C PRO B 215 6.63 10.35 17.17
N PHE B 216 5.75 9.50 17.74
CA PHE B 216 4.33 9.84 17.75
C PHE B 216 3.94 10.56 19.04
N VAL B 217 4.55 10.21 20.15
CA VAL B 217 4.31 10.87 21.43
C VAL B 217 5.62 11.53 21.83
N PRO B 218 5.67 12.86 21.94
CA PRO B 218 6.94 13.53 22.18
C PRO B 218 7.55 13.16 23.52
N LEU B 219 8.83 13.47 23.65
CA LEU B 219 9.55 13.23 24.89
C LEU B 219 9.16 14.24 25.95
N ASP B 220 8.87 13.76 27.15
CA ASP B 220 8.50 14.63 28.27
C ASP B 220 9.15 14.14 29.55
N TYR B 221 9.45 15.09 30.43
CA TYR B 221 10.05 14.79 31.73
C TYR B 221 9.83 15.98 32.64
N SER B 222 10.29 15.84 33.89
CA SER B 222 9.98 16.78 34.96
C SER B 222 11.25 17.32 35.61
N SER B 223 11.09 17.90 36.80
CA SER B 223 11.99 18.90 37.37
C SER B 223 13.47 18.71 37.12
N ASP B 224 14.06 17.60 37.57
CA ASP B 224 15.51 17.47 37.49
C ASP B 224 15.91 16.14 36.88
N SER B 225 15.03 15.57 36.05
CA SER B 225 15.39 14.38 35.31
C SER B 225 16.35 14.73 34.19
N SER B 226 17.05 13.70 33.70
CA SER B 226 18.02 13.89 32.63
C SER B 226 17.36 14.45 31.38
N THR B 227 18.01 15.44 30.76
CA THR B 227 17.50 16.06 29.56
C THR B 227 18.05 15.47 28.27
N TYR B 228 19.25 14.92 28.28
CA TYR B 228 19.88 14.39 27.08
C TYR B 228 19.50 12.93 26.87
N VAL B 229 18.78 12.65 25.80
CA VAL B 229 18.33 11.29 25.48
C VAL B 229 18.67 10.96 24.03
N PRO B 230 19.73 10.19 23.78
CA PRO B 230 20.12 9.92 22.38
C PRO B 230 19.50 8.65 21.82
N ILE B 231 19.49 8.58 20.49
CA ILE B 231 19.02 7.41 19.75
C ILE B 231 20.16 6.91 18.88
N THR B 232 20.35 5.59 18.80
CA THR B 232 21.48 5.03 18.09
C THR B 232 21.06 3.86 17.19
N VAL B 233 21.62 3.81 15.98
CA VAL B 233 21.30 2.79 14.99
C VAL B 233 22.53 1.92 14.75
N THR B 234 22.31 0.62 14.50
CA THR B 234 23.37 -0.32 14.22
C THR B 234 22.87 -1.35 13.21
N VAL B 235 23.63 -1.55 12.13
CA VAL B 235 23.18 -2.34 10.99
C VAL B 235 24.23 -3.38 10.63
N ALA B 236 23.78 -4.59 10.30
CA ALA B 236 24.70 -5.65 9.89
C ALA B 236 24.24 -6.31 8.60
N PRO B 237 25.07 -6.32 7.56
CA PRO B 237 24.72 -7.04 6.33
C PRO B 237 24.83 -8.55 6.50
N MET B 238 24.07 -9.27 5.67
CA MET B 238 23.93 -10.72 5.75
C MET B 238 23.84 -11.31 4.34
N CYS B 239 24.55 -12.41 4.13
CA CYS B 239 24.60 -13.12 2.85
C CYS B 239 24.99 -12.19 1.69
N ALA B 240 26.13 -11.54 1.86
CA ALA B 240 26.59 -10.51 0.94
C ALA B 240 27.34 -11.13 -0.24
N GLU B 241 26.98 -10.72 -1.45
CA GLU B 241 27.56 -11.23 -2.69
C GLU B 241 27.87 -10.12 -3.67
N TYR B 242 28.94 -10.29 -4.44
CA TYR B 242 29.37 -9.29 -5.40
C TYR B 242 29.79 -9.95 -6.71
N ASN B 243 29.60 -9.23 -7.80
CA ASN B 243 29.89 -9.69 -9.16
C ASN B 243 30.37 -8.53 -10.00
N GLY B 244 31.25 -8.82 -10.96
CA GLY B 244 31.68 -7.82 -11.92
C GLY B 244 32.84 -6.96 -11.48
N LEU B 245 33.97 -7.58 -11.20
CA LEU B 245 35.15 -6.89 -10.68
C LEU B 245 35.87 -6.08 -11.77
N ARG B 246 36.08 -4.80 -11.50
CA ARG B 246 36.86 -3.92 -12.37
C ARG B 246 37.53 -2.87 -11.50
N LEU B 247 38.05 -1.81 -12.11
CA LEU B 247 38.69 -0.77 -11.34
C LEU B 247 37.66 0.01 -10.52
N ALA B 248 38.13 0.65 -9.47
CA ALA B 248 37.27 1.30 -8.50
C ALA B 248 36.64 2.57 -9.06
N THR B 249 35.33 2.68 -8.88
CA THR B 249 34.61 3.87 -9.30
C THR B 249 34.93 5.05 -8.37
N SER B 250 34.59 6.24 -8.83
CA SER B 250 34.86 7.46 -8.08
C SER B 250 33.66 8.39 -8.15
N LEU B 251 33.14 8.76 -6.99
CA LEU B 251 31.93 9.59 -6.93
C LEU B 251 32.28 11.06 -7.06
N GLY C 1 -22.24 -21.67 -45.27
CA GLY C 1 -21.68 -22.30 -44.08
C GLY C 1 -22.71 -22.70 -43.07
N LEU C 2 -22.32 -22.72 -41.81
CA LEU C 2 -23.23 -23.06 -40.74
C LEU C 2 -24.22 -21.93 -40.51
N PRO C 3 -25.53 -22.21 -40.48
CA PRO C 3 -26.50 -21.14 -40.21
C PRO C 3 -26.45 -20.67 -38.76
N VAL C 4 -26.51 -19.35 -38.58
CA VAL C 4 -26.38 -18.72 -37.27
C VAL C 4 -27.35 -17.55 -37.17
N MET C 5 -27.60 -17.09 -35.94
CA MET C 5 -28.44 -15.92 -35.70
C MET C 5 -27.86 -15.09 -34.56
N ASN C 6 -27.72 -13.79 -34.80
CA ASN C 6 -27.13 -12.85 -33.85
C ASN C 6 -28.15 -12.39 -32.81
N THR C 7 -27.75 -12.37 -31.55
CA THR C 7 -28.59 -11.99 -30.43
C THR C 7 -28.29 -10.57 -29.98
N PRO C 8 -29.14 -9.96 -29.16
CA PRO C 8 -28.81 -8.65 -28.58
C PRO C 8 -27.53 -8.71 -27.76
N GLY C 9 -26.76 -7.62 -27.81
CA GLY C 9 -25.45 -7.57 -27.21
C GLY C 9 -24.30 -7.72 -28.16
N SER C 10 -24.56 -7.89 -29.46
CA SER C 10 -23.52 -8.08 -30.44
C SER C 10 -22.81 -6.77 -30.74
N ASN C 11 -21.49 -6.81 -30.79
CA ASN C 11 -20.63 -5.69 -31.20
C ASN C 11 -20.63 -4.56 -30.17
N GLN C 12 -20.86 -4.89 -28.91
CA GLN C 12 -20.80 -3.93 -27.82
C GLN C 12 -19.48 -4.09 -27.06
N PHE C 13 -19.10 -3.04 -26.34
CA PHE C 13 -17.91 -3.03 -25.49
C PHE C 13 -18.35 -2.89 -24.04
N LEU C 14 -18.37 -4.01 -23.33
CA LEU C 14 -18.62 -4.02 -21.89
C LEU C 14 -17.31 -4.08 -21.14
N THR C 15 -17.08 -3.13 -20.24
CA THR C 15 -15.77 -2.98 -19.64
C THR C 15 -15.45 -4.03 -18.58
N SER C 16 -16.38 -4.94 -18.27
CA SER C 16 -16.08 -6.04 -17.37
C SER C 16 -16.30 -7.40 -18.02
N ASP C 17 -16.17 -7.49 -19.34
CA ASP C 17 -16.32 -8.77 -20.03
C ASP C 17 -15.09 -9.65 -19.81
N ASP C 18 -15.23 -10.91 -20.24
CA ASP C 18 -14.14 -11.88 -20.09
C ASP C 18 -14.13 -12.78 -21.33
N PHE C 19 -13.41 -12.37 -22.36
CA PHE C 19 -13.33 -13.12 -23.61
C PHE C 19 -11.86 -13.42 -23.96
N GLN C 20 -11.67 -14.16 -25.04
CA GLN C 20 -10.36 -14.40 -25.64
C GLN C 20 -10.12 -13.41 -26.78
N SER C 21 -8.85 -13.16 -27.07
CA SER C 21 -8.49 -12.21 -28.12
C SER C 21 -7.17 -12.63 -28.74
N PRO C 22 -6.93 -12.28 -30.00
CA PRO C 22 -5.67 -12.64 -30.65
C PRO C 22 -4.48 -11.86 -30.10
N SER C 23 -3.33 -12.52 -30.12
CA SER C 23 -2.09 -11.94 -29.64
C SER C 23 -1.40 -11.15 -30.74
N ALA C 24 -0.92 -9.95 -30.39
CA ALA C 24 -0.17 -9.14 -31.33
C ALA C 24 1.31 -9.51 -31.40
N MET C 25 1.78 -10.41 -30.54
CA MET C 25 3.18 -10.85 -30.54
C MET C 25 3.23 -12.37 -30.42
N PRO C 26 3.07 -13.08 -31.54
CA PRO C 26 3.00 -14.55 -31.47
C PRO C 26 4.30 -15.17 -30.99
N GLN C 27 4.19 -16.09 -30.03
CA GLN C 27 5.30 -16.90 -29.52
C GLN C 27 6.36 -16.08 -28.80
N PHE C 28 5.97 -14.96 -28.18
CA PHE C 28 6.89 -14.18 -27.38
C PHE C 28 7.28 -14.95 -26.12
N ASP C 29 8.56 -14.88 -25.76
CA ASP C 29 9.13 -15.67 -24.67
C ASP C 29 9.38 -14.75 -23.47
N VAL C 30 8.60 -14.97 -22.40
CA VAL C 30 8.60 -14.02 -21.27
C VAL C 30 9.77 -14.30 -20.33
N THR C 31 10.11 -13.29 -19.55
CA THR C 31 11.15 -13.42 -18.54
C THR C 31 10.71 -14.38 -17.46
N PRO C 32 11.60 -15.25 -16.98
CA PRO C 32 11.21 -16.21 -15.94
C PRO C 32 10.76 -15.53 -14.65
N GLU C 33 9.90 -16.22 -13.92
CA GLU C 33 9.34 -15.73 -12.68
C GLU C 33 10.34 -15.83 -11.53
N LEU C 34 10.44 -14.76 -10.76
CA LEU C 34 11.32 -14.68 -9.59
C LEU C 34 10.48 -14.71 -8.32
N ASN C 35 11.03 -15.29 -7.25
CA ASN C 35 10.31 -15.45 -5.99
C ASN C 35 10.60 -14.27 -5.08
N ILE C 36 9.87 -13.17 -5.29
CA ILE C 36 10.04 -11.95 -4.53
C ILE C 36 9.26 -12.06 -3.22
N PRO C 37 9.82 -11.64 -2.09
CA PRO C 37 9.06 -11.66 -0.84
C PRO C 37 7.87 -10.71 -0.87
N GLY C 38 6.84 -11.07 -0.11
CA GLY C 38 5.71 -10.20 0.14
C GLY C 38 4.61 -10.21 -0.90
N GLU C 39 4.21 -11.39 -1.36
CA GLU C 39 3.18 -11.51 -2.37
C GLU C 39 1.78 -11.42 -1.76
N VAL C 40 0.90 -10.67 -2.41
CA VAL C 40 -0.45 -10.43 -1.94
C VAL C 40 -1.43 -11.18 -2.82
N GLN C 41 -2.38 -11.88 -2.21
CA GLN C 41 -3.38 -12.64 -2.94
C GLN C 41 -4.80 -12.15 -2.76
N ASN C 42 -5.09 -11.35 -1.73
CA ASN C 42 -6.44 -10.87 -1.49
C ASN C 42 -6.35 -9.53 -0.80
N LEU C 43 -7.25 -8.61 -1.14
CA LEU C 43 -7.24 -7.29 -0.52
C LEU C 43 -7.59 -7.33 0.95
N MET C 44 -8.25 -8.39 1.42
CA MET C 44 -8.58 -8.50 2.84
C MET C 44 -7.34 -8.74 3.70
N GLU C 45 -6.21 -9.13 3.10
CA GLU C 45 -4.99 -9.29 3.87
C GLU C 45 -4.44 -7.94 4.32
N ILE C 46 -4.72 -6.89 3.55
CA ILE C 46 -4.24 -5.56 3.92
C ILE C 46 -5.13 -4.94 4.99
N ALA C 47 -6.43 -5.18 4.92
CA ALA C 47 -7.37 -4.61 5.88
C ALA C 47 -7.26 -5.24 7.26
N GLU C 48 -6.60 -6.38 7.40
CA GLU C 48 -6.38 -7.01 8.69
C GLU C 48 -5.13 -6.50 9.39
N VAL C 49 -4.48 -5.47 8.86
CA VAL C 49 -3.30 -4.88 9.46
C VAL C 49 -3.70 -3.60 10.20
N ASP C 50 -3.21 -3.44 11.41
CA ASP C 50 -3.49 -2.25 12.22
C ASP C 50 -2.96 -0.99 11.56
N SER C 51 -3.71 0.11 11.71
CA SER C 51 -3.26 1.43 11.33
C SER C 51 -3.81 2.45 12.32
N VAL C 52 -3.13 3.58 12.44
CA VAL C 52 -3.42 4.53 13.51
C VAL C 52 -4.60 5.41 13.10
N VAL C 53 -5.49 5.65 14.06
CA VAL C 53 -6.74 6.39 13.83
C VAL C 53 -6.58 7.84 14.29
N PRO C 54 -6.91 8.82 13.45
CA PRO C 54 -6.85 10.24 13.87
C PRO C 54 -8.08 10.69 14.66
N VAL C 55 -8.11 10.31 15.94
CA VAL C 55 -9.28 10.56 16.79
C VAL C 55 -9.45 12.04 17.11
N ASN C 56 -8.36 12.80 17.21
CA ASN C 56 -8.43 14.20 17.62
C ASN C 56 -8.49 15.15 16.43
N ASN C 57 -9.49 14.98 15.56
CA ASN C 57 -9.57 15.77 14.33
C ASN C 57 -10.41 17.04 14.55
N VAL C 58 -9.86 17.95 15.32
CA VAL C 58 -10.51 19.22 15.62
C VAL C 58 -9.73 20.35 14.95
N GLU C 59 -10.31 21.54 14.97
CA GLU C 59 -9.74 22.68 14.25
C GLU C 59 -8.37 23.03 14.80
N GLY C 60 -7.42 23.24 13.89
CA GLY C 60 -6.08 23.63 14.24
C GLY C 60 -5.07 22.51 14.36
N LYS C 61 -5.48 21.26 14.16
CA LYS C 61 -4.61 20.12 14.36
C LYS C 61 -4.61 19.15 13.19
N LEU C 62 -5.14 19.56 12.05
CA LEU C 62 -5.32 18.62 10.94
C LEU C 62 -4.02 18.29 10.22
N ASP C 63 -2.91 18.97 10.52
CA ASP C 63 -1.66 18.73 9.83
C ASP C 63 -0.50 18.55 10.81
N THR C 64 -0.80 18.15 12.04
CA THR C 64 0.22 17.88 13.04
C THR C 64 0.02 16.47 13.59
N MET C 65 1.05 15.97 14.27
CA MET C 65 0.94 14.66 14.91
C MET C 65 -0.01 14.66 16.08
N GLU C 66 -0.33 15.83 16.63
CA GLU C 66 -1.33 15.94 17.68
C GLU C 66 -2.68 15.37 17.28
N ILE C 67 -2.94 15.22 15.97
CA ILE C 67 -4.19 14.63 15.53
C ILE C 67 -4.32 13.18 15.95
N TYR C 68 -3.22 12.52 16.33
CA TYR C 68 -3.30 11.10 16.67
C TYR C 68 -3.39 10.83 18.18
N ARG C 69 -3.20 11.83 19.05
CA ARG C 69 -3.10 11.58 20.48
C ARG C 69 -4.41 11.91 21.17
N ILE C 70 -4.81 11.06 22.12
CA ILE C 70 -5.96 11.30 22.97
C ILE C 70 -5.44 11.74 24.34
N PRO C 71 -5.85 12.90 24.85
CA PRO C 71 -5.27 13.40 26.10
C PRO C 71 -5.95 12.88 27.34
N VAL C 72 -5.15 12.53 28.34
CA VAL C 72 -5.66 12.15 29.66
C VAL C 72 -4.74 12.77 30.71
N GLN C 73 -5.23 12.93 31.92
CA GLN C 73 -4.45 13.54 32.99
C GLN C 73 -4.92 13.06 34.36
N SER C 74 -4.17 13.46 35.38
CA SER C 74 -4.47 13.10 36.77
C SER C 74 -5.34 14.17 37.42
N GLY C 75 -5.94 13.80 38.54
CA GLY C 75 -6.90 14.64 39.22
C GLY C 75 -8.31 14.12 39.05
N ASN C 76 -9.25 14.85 39.65
CA ASN C 76 -10.66 14.47 39.63
C ASN C 76 -11.29 14.96 38.33
N HIS C 77 -11.35 14.06 37.34
CA HIS C 77 -12.01 14.36 36.06
C HIS C 77 -12.99 13.27 35.68
N GLN C 78 -13.70 12.68 36.64
CA GLN C 78 -14.56 11.55 36.32
C GLN C 78 -15.78 11.97 35.50
N SER C 79 -16.29 13.18 35.74
CA SER C 79 -17.46 13.63 35.00
C SER C 79 -17.16 13.95 33.55
N SER C 80 -15.90 14.09 33.16
CA SER C 80 -15.51 14.39 31.79
C SER C 80 -15.38 13.11 30.98
N GLN C 81 -15.89 13.14 29.75
CA GLN C 81 -15.76 12.04 28.82
C GLN C 81 -14.42 12.12 28.10
N VAL C 82 -13.82 10.95 27.84
CA VAL C 82 -12.50 10.90 27.24
C VAL C 82 -12.59 11.08 25.72
N PHE C 83 -13.31 10.20 25.04
CA PHE C 83 -13.55 10.34 23.61
C PHE C 83 -14.83 9.61 23.25
N GLY C 84 -15.32 9.91 22.05
CA GLY C 84 -16.46 9.22 21.48
C GLY C 84 -16.62 9.44 19.99
N PHE C 85 -17.05 8.41 19.26
CA PHE C 85 -17.29 8.56 17.82
C PHE C 85 -18.25 7.50 17.32
N GLN C 86 -18.78 7.73 16.12
CA GLN C 86 -19.68 6.79 15.47
C GLN C 86 -18.92 5.66 14.81
N VAL C 87 -19.63 4.56 14.58
CA VAL C 87 -19.06 3.38 13.92
C VAL C 87 -19.52 3.46 12.47
N GLN C 88 -18.69 4.07 11.63
CA GLN C 88 -18.93 4.20 10.18
C GLN C 88 -17.60 4.03 9.47
N PRO C 89 -17.13 2.79 9.31
CA PRO C 89 -15.73 2.56 8.93
C PRO C 89 -15.35 3.11 7.56
N GLY C 90 -16.28 3.57 6.75
CA GLY C 90 -15.92 4.15 5.48
C GLY C 90 -16.50 5.53 5.26
N LEU C 91 -17.22 6.04 6.26
CA LEU C 91 -17.94 7.29 6.08
C LEU C 91 -17.45 8.37 7.02
N ASP C 92 -17.24 8.03 8.29
CA ASP C 92 -16.83 9.02 9.27
C ASP C 92 -15.43 9.55 8.97
N ASN C 93 -15.23 10.85 9.20
CA ASN C 93 -13.91 11.43 9.05
C ASN C 93 -12.87 10.73 9.91
N VAL C 94 -13.28 10.13 11.02
CA VAL C 94 -12.32 9.46 11.90
C VAL C 94 -11.74 8.20 11.27
N PHE C 95 -12.49 7.49 10.43
CA PHE C 95 -12.05 6.21 9.92
C PHE C 95 -11.78 6.17 8.42
N LYS C 96 -12.06 7.24 7.69
CA LYS C 96 -12.13 7.09 6.24
C LYS C 96 -10.78 7.01 5.55
N HIS C 97 -9.71 7.53 6.14
CA HIS C 97 -8.41 7.54 5.48
C HIS C 97 -7.44 6.51 6.04
N THR C 98 -7.89 5.66 6.96
CA THR C 98 -7.07 4.56 7.45
C THR C 98 -7.02 3.44 6.39
N LEU C 99 -6.19 2.43 6.66
CA LEU C 99 -6.08 1.32 5.72
C LEU C 99 -7.43 0.66 5.48
N LEU C 100 -8.14 0.33 6.56
CA LEU C 100 -9.43 -0.31 6.43
C LEU C 100 -10.41 0.58 5.68
N GLY C 101 -10.47 1.85 6.05
CA GLY C 101 -11.32 2.79 5.33
C GLY C 101 -10.96 2.93 3.87
N GLU C 102 -9.67 3.06 3.56
CA GLU C 102 -9.28 3.18 2.16
C GLU C 102 -9.65 1.96 1.36
N ILE C 103 -9.53 0.76 1.92
CA ILE C 103 -9.98 -0.42 1.18
C ILE C 103 -11.49 -0.41 1.01
N LEU C 104 -12.25 -0.04 2.05
CA LEU C 104 -13.70 -0.08 1.92
C LEU C 104 -14.27 0.92 0.92
N ASN C 105 -13.58 2.01 0.63
CA ASN C 105 -14.13 3.01 -0.28
C ASN C 105 -14.07 2.60 -1.74
N TYR C 106 -13.49 1.44 -2.05
CA TYR C 106 -13.58 0.86 -3.38
C TYR C 106 -14.79 -0.06 -3.53
N TYR C 107 -15.58 -0.23 -2.47
CA TYR C 107 -16.67 -1.18 -2.47
C TYR C 107 -17.95 -0.51 -1.97
N ALA C 108 -19.07 -1.19 -2.16
CA ALA C 108 -20.35 -0.67 -1.73
C ALA C 108 -20.91 -1.34 -0.49
N HIS C 109 -20.63 -2.62 -0.26
CA HIS C 109 -21.18 -3.34 0.88
C HIS C 109 -20.06 -3.94 1.72
N TRP C 110 -20.25 -3.94 3.04
CA TRP C 110 -19.29 -4.54 3.97
C TRP C 110 -20.02 -5.32 5.04
N SER C 111 -19.28 -6.23 5.68
CA SER C 111 -19.82 -7.03 6.77
C SER C 111 -18.68 -7.62 7.60
N GLY C 112 -18.86 -7.68 8.91
CA GLY C 112 -17.93 -8.33 9.80
C GLY C 112 -17.68 -7.54 11.06
N SER C 113 -16.78 -8.09 11.89
CA SER C 113 -16.41 -7.53 13.18
C SER C 113 -15.19 -6.63 13.05
N ILE C 114 -15.03 -5.71 14.01
CA ILE C 114 -13.96 -4.71 13.92
C ILE C 114 -13.19 -4.64 15.23
N LYS C 115 -11.87 -4.60 15.14
CA LYS C 115 -10.99 -4.58 16.31
C LYS C 115 -10.43 -3.18 16.51
N LEU C 116 -10.52 -2.68 17.74
CA LEU C 116 -9.87 -1.44 18.15
C LEU C 116 -8.90 -1.72 19.28
N THR C 117 -7.64 -1.39 19.07
CA THR C 117 -6.59 -1.60 20.07
C THR C 117 -6.14 -0.26 20.65
N PHE C 118 -6.04 -0.19 21.96
CA PHE C 118 -5.67 1.04 22.65
C PHE C 118 -4.36 0.83 23.39
N VAL C 119 -3.45 1.80 23.26
CA VAL C 119 -2.14 1.74 23.86
C VAL C 119 -1.92 2.99 24.70
N PHE C 120 -1.46 2.79 25.94
CA PHE C 120 -1.18 3.85 26.89
C PHE C 120 0.30 4.21 26.79
N CYS C 121 0.59 5.49 26.59
CA CYS C 121 1.95 5.96 26.35
C CYS C 121 2.38 6.97 27.40
N GLY C 122 2.10 6.68 28.67
CA GLY C 122 2.58 7.48 29.78
C GLY C 122 3.82 6.88 30.41
N SER C 123 4.22 7.48 31.53
CA SER C 123 5.39 7.03 32.26
C SER C 123 5.14 5.65 32.88
N ALA C 124 6.22 4.98 33.30
CA ALA C 124 6.11 3.68 33.91
C ALA C 124 5.56 3.73 35.33
N MET C 125 5.48 4.92 35.93
CA MET C 125 5.00 5.06 37.29
C MET C 125 3.54 5.51 37.37
N ALA C 126 2.86 5.72 36.25
CA ALA C 126 1.47 6.15 36.27
C ALA C 126 0.54 4.95 36.26
N THR C 127 -0.54 5.05 37.02
CA THR C 127 -1.54 3.98 37.08
C THR C 127 -2.91 4.54 36.77
N GLY C 128 -3.79 3.68 36.24
CA GLY C 128 -5.15 4.08 35.96
C GLY C 128 -5.94 2.95 35.33
N LYS C 129 -7.26 3.12 35.31
CA LYS C 129 -8.20 2.19 34.70
C LYS C 129 -9.26 2.94 33.91
N PHE C 130 -9.64 2.39 32.76
CA PHE C 130 -10.59 3.04 31.87
C PHE C 130 -11.72 2.08 31.50
N LEU C 131 -12.85 2.64 31.08
CA LEU C 131 -13.99 1.88 30.62
C LEU C 131 -14.24 2.18 29.15
N LEU C 132 -14.24 1.15 28.30
CA LEU C 132 -14.43 1.28 26.86
C LEU C 132 -15.75 0.61 26.49
N ALA C 133 -16.67 1.36 25.90
CA ALA C 133 -18.05 0.93 25.72
C ALA C 133 -18.53 1.15 24.29
N TYR C 134 -19.30 0.18 23.79
CA TYR C 134 -19.95 0.23 22.49
C TYR C 134 -21.44 0.05 22.68
N ALA C 135 -22.22 0.96 22.14
CA ALA C 135 -23.68 0.98 22.21
C ALA C 135 -24.30 0.69 20.84
N PRO C 136 -25.32 -0.16 20.78
CA PRO C 136 -25.96 -0.47 19.50
C PRO C 136 -26.93 0.61 19.08
N PRO C 137 -27.33 0.65 17.82
CA PRO C 137 -28.21 1.73 17.38
C PRO C 137 -29.60 1.59 17.97
N GLY C 138 -30.30 2.71 18.05
CA GLY C 138 -31.64 2.70 18.58
C GLY C 138 -31.88 3.77 19.63
N ALA C 139 -30.82 4.30 20.22
CA ALA C 139 -30.92 5.35 21.21
C ALA C 139 -29.88 6.42 20.91
N ASN C 140 -29.92 7.50 21.66
CA ASN C 140 -28.88 8.51 21.56
C ASN C 140 -27.64 8.06 22.32
N ALA C 141 -26.53 8.73 22.06
CA ALA C 141 -25.28 8.33 22.66
C ALA C 141 -25.29 8.64 24.16
N PRO C 142 -24.65 7.81 24.99
CA PRO C 142 -24.70 8.01 26.43
C PRO C 142 -24.02 9.31 26.85
N LYS C 143 -24.54 9.90 27.93
CA LYS C 143 -24.06 11.15 28.47
C LYS C 143 -23.33 11.00 29.80
N SER C 144 -23.19 9.78 30.31
CA SER C 144 -22.54 9.55 31.59
C SER C 144 -22.04 8.12 31.61
N ARG C 145 -21.15 7.84 32.56
CA ARG C 145 -20.59 6.49 32.68
C ARG C 145 -21.67 5.48 33.04
N LYS C 146 -22.67 5.89 33.81
CA LYS C 146 -23.75 4.98 34.19
C LYS C 146 -24.55 4.51 32.99
N ASP C 147 -24.84 5.41 32.04
CA ASP C 147 -25.51 5.00 30.82
C ASP C 147 -24.63 4.10 29.97
N ALA C 148 -23.36 4.46 29.83
CA ALA C 148 -22.48 3.73 28.92
C ALA C 148 -22.21 2.32 29.42
N MET C 149 -22.22 2.11 30.74
CA MET C 149 -21.92 0.79 31.29
C MET C 149 -22.95 -0.27 30.91
N LEU C 150 -24.10 0.11 30.36
CA LEU C 150 -25.16 -0.84 30.05
C LEU C 150 -24.98 -1.54 28.72
N GLY C 151 -24.09 -1.08 27.86
CA GLY C 151 -23.85 -1.73 26.59
C GLY C 151 -22.70 -2.71 26.65
N THR C 152 -22.05 -2.96 25.51
CA THR C 152 -20.95 -3.91 25.46
C THR C 152 -19.66 -3.21 25.83
N HIS C 153 -19.01 -3.64 26.90
CA HIS C 153 -17.88 -2.85 27.37
C HIS C 153 -16.79 -3.73 27.95
N ILE C 154 -15.63 -3.11 28.17
CA ILE C 154 -14.49 -3.75 28.79
C ILE C 154 -13.80 -2.74 29.72
N ILE C 155 -13.22 -3.24 30.79
CA ILE C 155 -12.51 -2.42 31.75
C ILE C 155 -11.02 -2.70 31.59
N TRP C 156 -10.28 -1.66 31.21
CA TRP C 156 -8.86 -1.76 30.89
C TRP C 156 -8.05 -1.31 32.09
N ASP C 157 -7.13 -2.17 32.54
CA ASP C 157 -6.23 -1.88 33.63
C ASP C 157 -4.82 -1.71 33.08
N VAL C 158 -4.22 -0.56 33.34
CA VAL C 158 -2.91 -0.22 32.80
C VAL C 158 -1.83 -0.92 33.62
N GLY C 159 -0.92 -1.60 32.96
CA GLY C 159 0.15 -2.31 33.64
C GLY C 159 1.33 -2.67 32.77
N LEU C 160 1.90 -3.85 32.98
CA LEU C 160 3.08 -4.25 32.22
C LEU C 160 2.75 -4.50 30.76
N GLN C 161 1.60 -5.12 30.48
CA GLN C 161 1.04 -5.11 29.14
C GLN C 161 0.41 -3.75 28.87
N SER C 162 0.76 -3.17 27.73
CA SER C 162 0.39 -1.80 27.43
C SER C 162 -0.89 -1.67 26.62
N SER C 163 -1.43 -2.74 26.07
CA SER C 163 -2.45 -2.65 25.04
C SER C 163 -3.70 -3.44 25.45
N CYS C 164 -4.86 -2.87 25.14
CA CYS C 164 -6.13 -3.55 25.35
C CYS C 164 -6.99 -3.47 24.10
N VAL C 165 -7.68 -4.57 23.80
CA VAL C 165 -8.46 -4.70 22.58
C VAL C 165 -9.95 -4.66 22.92
N LEU C 166 -10.68 -3.74 22.30
CA LEU C 166 -12.14 -3.76 22.29
C LEU C 166 -12.61 -4.29 20.94
N CYS C 167 -13.31 -5.42 20.96
CA CYS C 167 -13.83 -6.05 19.76
C CYS C 167 -15.29 -5.65 19.58
N ILE C 168 -15.59 -5.01 18.46
CA ILE C 168 -16.96 -4.66 18.09
C ILE C 168 -17.54 -5.83 17.30
N PRO C 169 -18.52 -6.55 17.82
CA PRO C 169 -19.11 -7.68 17.11
C PRO C 169 -20.22 -7.27 16.15
N TRP C 170 -20.36 -8.05 15.10
CA TRP C 170 -21.37 -7.79 14.07
C TRP C 170 -22.76 -8.04 14.64
N ILE C 171 -23.49 -6.97 14.92
CA ILE C 171 -24.87 -7.03 15.39
C ILE C 171 -25.68 -6.17 14.41
N SER C 172 -26.43 -6.81 13.53
CA SER C 172 -27.13 -6.13 12.45
C SER C 172 -28.35 -6.94 12.05
N GLN C 173 -29.37 -6.26 11.54
CA GLN C 173 -30.54 -6.95 11.03
C GLN C 173 -30.36 -7.44 9.60
N THR C 174 -29.46 -6.82 8.83
CA THR C 174 -29.15 -7.25 7.48
C THR C 174 -27.79 -7.93 7.45
N HIS C 175 -27.58 -8.73 6.41
CA HIS C 175 -26.28 -9.38 6.22
C HIS C 175 -25.17 -8.40 5.90
N TYR C 176 -25.47 -7.33 5.17
CA TYR C 176 -24.50 -6.32 4.79
C TYR C 176 -25.02 -4.93 5.13
N ARG C 177 -24.08 -4.02 5.38
CA ARG C 177 -24.36 -2.60 5.51
C ARG C 177 -23.72 -1.85 4.35
N LEU C 178 -24.21 -0.65 4.11
CA LEU C 178 -23.66 0.20 3.06
C LEU C 178 -22.36 0.85 3.53
N VAL C 179 -21.39 0.96 2.63
CA VAL C 179 -20.21 1.76 2.91
C VAL C 179 -20.59 3.23 3.07
N GLN C 180 -21.53 3.70 2.25
CA GLN C 180 -22.14 5.03 2.37
C GLN C 180 -23.33 4.89 3.32
N GLN C 181 -23.06 4.89 4.62
CA GLN C 181 -24.06 4.53 5.62
C GLN C 181 -25.14 5.60 5.75
N ASP C 182 -26.39 5.16 5.84
CA ASP C 182 -27.53 6.02 6.12
C ASP C 182 -28.13 5.64 7.47
N GLU C 183 -29.25 6.27 7.82
CA GLU C 183 -29.90 5.99 9.09
C GLU C 183 -30.43 4.57 9.17
N TYR C 184 -30.76 3.95 8.04
CA TYR C 184 -31.29 2.59 8.06
C TYR C 184 -30.23 1.55 8.42
N THR C 185 -28.98 1.75 8.02
CA THR C 185 -27.92 0.77 8.28
C THR C 185 -26.91 1.29 9.29
N SER C 186 -27.35 2.13 10.22
CA SER C 186 -26.46 2.65 11.25
C SER C 186 -25.93 1.51 12.13
N ALA C 187 -24.78 1.76 12.78
CA ALA C 187 -24.10 0.72 13.51
C ALA C 187 -23.80 1.04 14.98
N GLY C 188 -23.97 2.28 15.44
CA GLY C 188 -23.83 2.60 16.84
C GLY C 188 -22.69 3.57 17.10
N ASN C 189 -22.18 3.53 18.33
CA ASN C 189 -21.16 4.49 18.77
C ASN C 189 -20.24 3.87 19.80
N VAL C 190 -19.10 4.52 20.02
CA VAL C 190 -18.09 4.10 20.98
C VAL C 190 -17.72 5.29 21.85
N THR C 191 -17.54 5.05 23.15
CA THR C 191 -17.24 6.08 24.13
C THR C 191 -16.26 5.55 25.17
N CYS C 192 -15.50 6.47 25.78
CA CYS C 192 -14.53 6.13 26.81
C CYS C 192 -14.69 7.03 28.03
N TRP C 193 -14.52 6.45 29.22
CA TRP C 193 -14.71 7.14 30.49
C TRP C 193 -13.64 6.71 31.49
N TYR C 194 -13.41 7.56 32.49
CA TYR C 194 -12.53 7.21 33.60
C TYR C 194 -13.21 6.21 34.52
N GLN C 195 -12.59 5.04 34.71
CA GLN C 195 -13.13 4.11 35.69
C GLN C 195 -12.64 4.42 37.10
N THR C 196 -11.37 4.77 37.26
CA THR C 196 -10.89 5.29 38.53
C THR C 196 -10.17 6.63 38.44
N GLY C 197 -9.36 6.88 37.43
CA GLY C 197 -8.51 8.04 37.39
C GLY C 197 -7.03 7.68 37.35
N ILE C 198 -6.21 8.68 37.08
CA ILE C 198 -4.78 8.51 36.88
C ILE C 198 -4.06 8.98 38.15
N VAL C 199 -3.13 8.16 38.62
CA VAL C 199 -2.38 8.43 39.84
C VAL C 199 -0.89 8.34 39.53
N VAL C 200 -0.14 9.37 39.93
CA VAL C 200 1.28 9.45 39.64
C VAL C 200 2.01 9.90 40.91
N PRO C 201 3.28 9.54 41.03
CA PRO C 201 4.09 10.09 42.13
C PRO C 201 4.72 11.43 41.77
N ALA C 202 5.45 12.02 42.70
CA ALA C 202 6.13 13.27 42.44
C ALA C 202 7.28 13.05 41.46
N GLY C 203 7.52 14.04 40.61
CA GLY C 203 8.63 14.00 39.67
C GLY C 203 8.28 13.48 38.30
N THR C 204 7.00 13.28 38.01
CA THR C 204 6.49 12.74 36.76
C THR C 204 5.62 13.77 36.06
N PRO C 205 5.61 13.80 34.73
CA PRO C 205 4.64 14.66 34.04
C PRO C 205 3.22 14.21 34.32
N THR C 206 2.33 15.18 34.49
CA THR C 206 0.95 14.87 34.82
C THR C 206 0.13 14.39 33.64
N SER C 207 0.30 15.01 32.47
CA SER C 207 -0.49 14.67 31.29
C SER C 207 0.10 13.49 30.54
N CYS C 208 -0.78 12.67 29.99
CA CYS C 208 -0.39 11.49 29.21
C CYS C 208 -1.28 11.43 27.98
N SER C 209 -0.98 10.52 27.07
CA SER C 209 -1.79 10.35 25.87
C SER C 209 -2.01 8.88 25.57
N ILE C 210 -3.08 8.62 24.85
CA ILE C 210 -3.49 7.28 24.44
C ILE C 210 -3.59 7.26 22.92
N MET C 211 -3.25 6.13 22.32
CA MET C 211 -3.39 5.97 20.88
C MET C 211 -4.29 4.78 20.56
N CYS C 212 -4.92 4.84 19.40
CA CYS C 212 -5.93 3.87 18.97
C CYS C 212 -5.62 3.34 17.57
N PHE C 213 -5.69 2.03 17.41
CA PHE C 213 -5.44 1.34 16.15
C PHE C 213 -6.71 0.59 15.74
N VAL C 214 -6.94 0.50 14.42
CA VAL C 214 -8.13 -0.16 13.90
C VAL C 214 -7.73 -1.25 12.92
N SER C 215 -8.46 -2.37 12.94
CA SER C 215 -8.25 -3.42 11.94
C SER C 215 -9.49 -4.31 11.88
N ALA C 216 -9.49 -5.23 10.92
CA ALA C 216 -10.63 -6.10 10.66
C ALA C 216 -10.37 -7.52 11.13
N CYS C 217 -11.46 -8.21 11.49
CA CYS C 217 -11.38 -9.56 12.03
C CYS C 217 -11.40 -10.57 10.91
N ASN C 218 -11.46 -11.86 11.25
CA ASN C 218 -11.37 -12.93 10.26
C ASN C 218 -12.72 -13.38 9.74
N ASP C 219 -13.79 -12.63 10.02
CA ASP C 219 -15.09 -12.88 9.42
C ASP C 219 -15.53 -11.72 8.53
N PHE C 220 -14.59 -10.88 8.11
CA PHE C 220 -14.88 -9.64 7.42
C PHE C 220 -14.85 -9.84 5.90
N SER C 221 -15.73 -9.13 5.19
CA SER C 221 -15.77 -9.21 3.74
C SER C 221 -16.51 -8.01 3.17
N VAL C 222 -16.26 -7.75 1.88
CA VAL C 222 -16.84 -6.63 1.14
C VAL C 222 -17.32 -7.12 -0.22
N ARG C 223 -18.18 -6.33 -0.85
CA ARG C 223 -18.62 -6.64 -2.21
C ARG C 223 -19.13 -5.38 -2.92
N LEU C 224 -19.45 -5.56 -4.20
CA LEU C 224 -19.94 -4.53 -5.13
C LEU C 224 -18.93 -3.41 -5.43
N LEU C 225 -17.91 -3.73 -6.21
CA LEU C 225 -16.85 -2.80 -6.62
C LEU C 225 -17.39 -1.50 -7.21
N LYS C 226 -16.69 -0.40 -6.91
CA LYS C 226 -17.02 0.93 -7.43
C LYS C 226 -15.77 1.78 -7.45
N ASP C 227 -15.88 2.97 -8.03
CA ASP C 227 -14.77 3.91 -8.05
C ASP C 227 -14.75 4.74 -6.77
N THR C 228 -13.56 5.17 -6.39
CA THR C 228 -13.38 5.88 -5.13
C THR C 228 -13.53 7.39 -5.32
N PRO C 229 -14.08 8.09 -4.34
CA PRO C 229 -14.22 9.55 -4.44
C PRO C 229 -13.04 10.37 -3.92
N PHE C 230 -11.88 9.76 -3.67
CA PHE C 230 -10.77 10.48 -3.06
C PHE C 230 -9.74 11.00 -4.05
N ILE C 231 -9.79 10.59 -5.32
CA ILE C 231 -8.80 11.00 -6.31
C ILE C 231 -9.54 11.61 -7.50
N GLU C 232 -8.95 12.64 -8.10
CA GLU C 232 -9.60 13.36 -9.18
C GLU C 232 -8.61 14.25 -9.91
N GLN C 233 -8.93 14.59 -11.15
CA GLN C 233 -8.11 15.46 -11.99
C GLN C 233 -9.01 16.38 -12.78
N SER C 234 -8.43 17.46 -13.30
CA SER C 234 -9.15 18.38 -14.15
C SER C 234 -8.72 18.35 -15.60
N ALA C 235 -7.67 17.61 -15.95
CA ALA C 235 -7.20 17.46 -17.31
C ALA C 235 -6.20 16.30 -17.34
N LEU C 236 -5.89 15.83 -18.54
CA LEU C 236 -4.90 14.78 -18.71
C LEU C 236 -3.52 15.28 -18.25
N LEU C 237 -2.56 14.37 -18.23
CA LEU C 237 -1.21 14.64 -17.75
C LEU C 237 -1.25 15.11 -16.30
N GLN C 238 -1.68 14.18 -15.45
CA GLN C 238 -1.74 14.44 -14.03
C GLN C 238 -1.61 13.12 -13.32
N MET D 1 -12.28 -32.82 -27.10
CA MET D 1 -11.43 -32.01 -27.94
C MET D 1 -10.74 -30.92 -27.13
N GLY D 2 -10.10 -31.31 -26.05
CA GLY D 2 -9.47 -30.35 -25.16
C GLY D 2 -10.44 -29.41 -24.49
N ALA D 3 -11.59 -29.92 -24.06
CA ALA D 3 -12.60 -29.12 -23.41
C ALA D 3 -12.44 -29.16 -21.89
N GLN D 4 -12.59 -28.03 -21.25
CA GLN D 4 -12.60 -27.96 -19.80
C GLN D 4 -14.00 -27.68 -19.29
N VAL D 5 -14.43 -28.44 -18.29
CA VAL D 5 -15.74 -28.28 -17.68
C VAL D 5 -15.52 -27.96 -16.20
N SER D 6 -16.09 -26.86 -15.73
CA SER D 6 -15.91 -26.49 -14.34
C SER D 6 -17.17 -25.84 -13.79
N THR D 7 -17.24 -25.76 -12.46
CA THR D 7 -18.45 -25.29 -11.79
C THR D 7 -18.59 -23.78 -11.85
N GLN D 8 -19.83 -23.31 -11.81
CA GLN D 8 -20.16 -21.90 -11.88
C GLN D 8 -20.27 -21.32 -10.47
N LYS D 9 -20.23 -20.00 -10.38
CA LYS D 9 -20.41 -19.29 -9.11
C LYS D 9 -21.91 -19.23 -8.81
N THR D 10 -22.33 -19.86 -7.73
CA THR D 10 -23.72 -19.88 -7.29
C THR D 10 -23.83 -19.39 -5.86
N GLY D 11 -25.05 -19.40 -5.34
CA GLY D 11 -25.34 -19.03 -3.97
C GLY D 11 -25.28 -20.21 -3.03
N ALA D 12 -25.81 -20.02 -1.83
CA ALA D 12 -25.84 -21.07 -0.82
C ALA D 12 -27.09 -20.87 0.04
N HIS D 13 -27.37 -21.85 0.90
CA HIS D 13 -28.42 -21.74 1.90
C HIS D 13 -28.34 -22.88 2.90
N ILE D 24 -25.54 -28.57 -15.13
CA ILE D 24 -26.55 -27.55 -14.87
C ILE D 24 -25.93 -26.36 -14.16
N ILE D 25 -24.94 -26.62 -13.33
CA ILE D 25 -24.22 -25.55 -12.66
C ILE D 25 -22.75 -25.62 -13.03
N HIS D 26 -22.45 -26.19 -14.19
CA HIS D 26 -21.11 -26.14 -14.74
C HIS D 26 -21.15 -25.51 -16.12
N TYR D 27 -19.96 -25.22 -16.64
CA TYR D 27 -19.80 -24.54 -17.91
C TYR D 27 -18.56 -25.08 -18.61
N THR D 28 -18.52 -24.86 -19.93
CA THR D 28 -17.54 -25.43 -20.84
C THR D 28 -16.66 -24.36 -21.46
N ASN D 29 -15.37 -24.65 -21.61
CA ASN D 29 -14.42 -23.73 -22.23
C ASN D 29 -13.50 -24.48 -23.18
N ILE D 30 -13.22 -23.85 -24.31
CA ILE D 30 -12.25 -24.30 -25.31
C ILE D 30 -11.28 -23.16 -25.58
N ASN D 31 -10.00 -23.47 -25.68
CA ASN D 31 -9.00 -22.49 -26.04
C ASN D 31 -8.77 -22.48 -27.55
N TYR D 32 -8.79 -21.30 -28.15
CA TYR D 32 -8.72 -21.16 -29.59
C TYR D 32 -7.36 -20.76 -30.13
N TYR D 33 -6.47 -20.23 -29.29
CA TYR D 33 -5.25 -19.59 -29.76
C TYR D 33 -4.02 -20.32 -29.23
N LYS D 34 -2.90 -20.05 -29.88
CA LYS D 34 -1.67 -20.76 -29.55
C LYS D 34 -0.92 -20.18 -28.36
N ASP D 35 -1.15 -18.92 -28.02
CA ASP D 35 -0.48 -18.27 -26.91
C ASP D 35 -1.37 -18.24 -25.68
N ALA D 36 -0.78 -18.48 -24.52
CA ALA D 36 -1.54 -18.42 -23.27
C ALA D 36 -1.89 -16.99 -22.86
N ALA D 37 -1.22 -15.99 -23.41
CA ALA D 37 -1.62 -14.61 -23.15
C ALA D 37 -2.95 -14.26 -23.78
N SER D 38 -3.51 -15.15 -24.61
CA SER D 38 -4.80 -14.92 -25.24
C SER D 38 -5.95 -15.49 -24.41
N ASN D 39 -5.66 -16.30 -23.41
CA ASN D 39 -6.71 -16.89 -22.60
C ASN D 39 -7.42 -15.83 -21.77
N SER D 40 -8.60 -16.18 -21.27
CA SER D 40 -9.35 -15.27 -20.43
C SER D 40 -8.81 -15.29 -18.99
N ALA D 41 -9.30 -14.37 -18.18
CA ALA D 41 -8.77 -14.16 -16.84
C ALA D 41 -9.06 -15.36 -15.93
N ASN D 42 -8.23 -15.51 -14.90
CA ASN D 42 -8.37 -16.56 -13.90
C ASN D 42 -9.13 -15.97 -12.71
N ARG D 43 -10.46 -16.00 -12.78
CA ARG D 43 -11.29 -15.34 -11.80
C ARG D 43 -11.71 -16.25 -10.65
N GLN D 44 -11.30 -17.52 -10.66
CA GLN D 44 -11.82 -18.48 -9.68
C GLN D 44 -10.73 -19.10 -8.83
N ASP D 45 -9.70 -18.32 -8.45
CA ASP D 45 -8.66 -18.78 -7.55
C ASP D 45 -8.68 -17.93 -6.29
N PHE D 46 -8.96 -18.55 -5.15
CA PHE D 46 -9.17 -17.83 -3.90
C PHE D 46 -8.28 -18.42 -2.81
N SER D 47 -7.04 -17.97 -2.73
CA SER D 47 -6.15 -18.35 -1.65
C SER D 47 -5.84 -17.14 -0.78
N GLN D 48 -5.34 -17.40 0.42
CA GLN D 48 -5.00 -16.35 1.37
C GLN D 48 -3.81 -16.78 2.21
N ASP D 49 -3.05 -15.80 2.66
CA ASP D 49 -1.95 -16.01 3.59
C ASP D 49 -1.71 -14.73 4.38
N PRO D 50 -2.62 -14.37 5.29
CA PRO D 50 -2.51 -13.09 5.98
C PRO D 50 -1.38 -13.03 6.99
N GLY D 51 -0.97 -14.17 7.55
CA GLY D 51 0.05 -14.17 8.58
C GLY D 51 1.36 -13.54 8.14
N LYS D 52 1.58 -13.43 6.83
CA LYS D 52 2.76 -12.79 6.30
C LYS D 52 2.83 -11.31 6.68
N PHE D 53 1.69 -10.65 6.83
CA PHE D 53 1.65 -9.24 7.16
C PHE D 53 1.21 -8.94 8.57
N THR D 54 0.41 -9.80 9.19
CA THR D 54 -0.12 -9.53 10.53
C THR D 54 0.69 -10.17 11.65
N GLU D 55 1.43 -11.23 11.38
CA GLU D 55 2.20 -11.94 12.41
C GLU D 55 3.65 -12.18 11.98
N PRO D 56 4.39 -11.13 11.62
CA PRO D 56 5.75 -11.39 11.12
C PRO D 56 6.81 -11.38 12.22
N VAL D 57 6.66 -12.25 13.21
CA VAL D 57 7.55 -12.25 14.36
C VAL D 57 8.30 -13.57 14.42
N LYS D 58 9.48 -13.53 15.04
CA LYS D 58 10.34 -14.71 15.11
C LYS D 58 9.81 -15.72 16.11
N ASP D 59 9.41 -15.26 17.29
CA ASP D 59 8.86 -16.14 18.32
C ASP D 59 7.34 -16.10 18.30
N ILE D 60 6.72 -17.28 18.44
CA ILE D 60 5.28 -17.39 18.29
C ILE D 60 4.57 -16.82 19.51
N MET D 61 3.44 -16.16 19.28
CA MET D 61 2.64 -15.55 20.34
C MET D 61 1.30 -16.26 20.42
N VAL D 62 0.97 -16.79 21.61
CA VAL D 62 -0.11 -17.75 21.75
C VAL D 62 -1.51 -17.12 21.73
N LYS D 63 -1.63 -15.86 22.16
CA LYS D 63 -2.85 -15.05 22.27
C LYS D 63 -3.72 -15.31 23.50
N SER D 64 -3.45 -16.37 24.27
CA SER D 64 -4.06 -16.47 25.58
C SER D 64 -3.08 -16.18 26.69
N LEU D 65 -1.80 -16.17 26.40
CA LEU D 65 -0.69 -15.84 27.26
C LEU D 65 -0.36 -14.36 27.17
N PRO D 66 0.30 -13.80 28.17
CA PRO D 66 0.79 -12.43 28.05
C PRO D 66 1.80 -12.31 26.91
N ALA D 67 1.87 -11.11 26.34
CA ALA D 67 2.79 -10.88 25.24
C ALA D 67 4.23 -10.79 25.70
N LEU D 68 4.45 -10.39 26.96
CA LEU D 68 5.78 -10.18 27.49
C LEU D 68 5.92 -11.02 28.75
N ASN D 69 7.01 -10.79 29.49
CA ASN D 69 7.30 -11.46 30.77
C ASN D 69 7.61 -12.94 30.60
C1 SPH E . 2.82 -0.70 -14.41
O1 SPH E . 4.20 -0.48 -14.62
C2 SPH E . 2.05 -0.25 -15.64
N2 SPH E . 1.75 1.16 -15.50
C3 SPH E . 2.87 -0.41 -16.90
O3 SPH E . 3.86 -1.40 -16.72
C4 SPH E . 2.01 -0.82 -18.06
C5 SPH E . 2.66 -1.40 -19.24
C6 SPH E . 2.39 -2.83 -19.61
C7 SPH E . 1.67 -2.89 -20.95
C8 SPH E . 2.54 -2.29 -22.05
C9 SPH E . 2.26 -3.04 -23.35
C10 SPH E . 2.57 -2.18 -24.56
C11 SPH E . 1.30 -1.69 -25.22
C12 SPH E . 1.06 -2.42 -26.52
C13 SPH E . -0.18 -1.90 -27.23
C14 SPH E . 0.13 -1.68 -28.70
C15 SPH E . -1.08 -1.97 -29.57
C16 SPH E . -0.77 -3.15 -30.48
C17 SPH E . -1.33 -2.94 -31.88
C18 SPH E . -0.77 -1.68 -32.50
#